data_4WWK
#
_entry.id   4WWK
#
_cell.length_a   56.380
_cell.length_b   76.070
_cell.length_c   255.720
_cell.angle_alpha   90.00
_cell.angle_beta   90.00
_cell.angle_gamma   90.00
#
_symmetry.space_group_name_H-M   'P 21 21 21'
#
loop_
_entity.id
_entity.type
_entity.pdbx_description
1 polymer 'TCR Alpha Chain-TRAV12-3'
2 polymer 'TCR Beta Chain-TRBV6-5'
3 polymer 'Antigen-presenting glycoprotein CD1d'
4 polymer Beta-2-microglobulin
5 non-polymer 2-acetamido-2-deoxy-beta-D-glucopyranose
6 non-polymer (15Z)-N-[(2S,3S,4R)-1-(alpha-D-galactopyranosyloxy)-3,4-dihydroxyoctadecan-2-yl]tetracos-15-enamide
7 water water
#
loop_
_entity_poly.entity_id
_entity_poly.type
_entity_poly.pdbx_seq_one_letter_code
_entity_poly.pdbx_strand_id
1 'polypeptide(L)'
;MQKEVEQDPGPLSVPEGAIVSLNCTYSNSAFQYFMWYRQYSRKGPELLMYTYSSGNKEDGRFTAQVDKSSKYISLFIRDS
QPSDSATYLCAMSGDLNTNAGKSTFGDGTTLTVKPNIQNPDPAVYQLRDSKSSDKSVCLFTDFDSQTNVSQSKDSDVYIT
DKCVLDMRSMDFKSNSAVAWSNKSDFACANAFNNSIIPEDTFFPSPESS
;
A
2 'polypeptide(L)'
;MNAGVTQTPKFQVLKTGQSMTLQCAQDMNHEYMSWYRQDPGMGLRLIHYSVGAGITDQGEVPNGYNVSRSTTEDFPLRLL
SAAPSQTSVYFCASSQGPFQPQHFGDGTRLSILEDLKNVFPPEVAVFEPSEAEISHTQKATLVCLATGFYPDHVELSWWV
NGKEVHSGVCTDPQPLKEQPALNDSRYALSSRLRVSATFWQNPRNHFRCQVQFYGLSENDEWTQDRAKPVTQIVSAEAWG
RAD
;
B
3 'polypeptide(L)'
;SPGVPQRLFPLRCLQISSFANSSWTRTDGLAWLGELQTHSWSNDSDTVRSLKPWSQGTFSDQQWETLQHIFRVYRSSFTR
DVKEFAKMLRLSYPLELQVSAGCEVHPGNASNNFFHVAFQGKDILSFQGTSWEPTQEAPLWVNLAIQVLNQDKWTRETVQ
WLLNGTCPQFVSGLLESGKSELKKQVKPKAWLSRGPSPGPGRLLLVCHVSGFYPKPVWVKWMRGEQEQQGTQPGDILPNA
DETWYLRATLDVVAGEAAGLSCRVKHSSLEGQDIVLYW
;
C
4 'polypeptide(L)'
;MSRSVALAVLALLSLSGLEAIQRTPKIQVYSRHPAENGKSNFLNCYVSGFHPSDIEVDLLKNGERIEKVEHSDLSFSKDW
SFYLLYYTEFTPTEKDEYACRVNHVTLSQPKIVKWDRDM
;
D
#
# COMPACT_ATOMS: atom_id res chain seq x y z
N GLU A 6 1.09 -1.84 -17.75
CA GLU A 6 1.17 -3.27 -17.43
C GLU A 6 -0.18 -3.99 -17.65
N GLN A 7 -0.42 -4.51 -18.87
CA GLN A 7 -1.71 -5.15 -19.20
C GLN A 7 -1.63 -6.59 -19.80
N ASP A 8 -2.85 -7.17 -20.00
CA ASP A 8 -3.18 -8.50 -20.54
C ASP A 8 -4.10 -8.33 -21.80
N PRO A 9 -4.36 -9.38 -22.64
CA PRO A 9 -5.15 -9.16 -23.88
C PRO A 9 -6.64 -9.54 -23.83
N GLY A 10 -7.24 -9.65 -25.03
CA GLY A 10 -8.62 -9.97 -25.28
C GLY A 10 -9.07 -11.42 -25.18
N PRO A 11 -10.39 -11.62 -25.56
CA PRO A 11 -11.10 -12.91 -25.36
C PRO A 11 -10.45 -14.25 -25.69
N LEU A 12 -10.88 -15.27 -24.88
CA LEU A 12 -10.45 -16.67 -24.92
C LEU A 12 -11.62 -17.63 -24.71
N SER A 13 -11.64 -18.74 -25.46
CA SER A 13 -12.67 -19.79 -25.39
C SER A 13 -11.98 -21.16 -25.35
N VAL A 14 -12.05 -21.83 -24.19
CA VAL A 14 -11.37 -23.11 -23.95
C VAL A 14 -12.39 -24.21 -23.57
N PRO A 15 -12.34 -25.45 -24.16
CA PRO A 15 -13.30 -26.50 -23.76
C PRO A 15 -13.01 -27.06 -22.37
N GLU A 16 -14.03 -27.71 -21.75
CA GLU A 16 -13.99 -28.30 -20.39
C GLU A 16 -12.78 -29.21 -20.13
N GLY A 17 -12.25 -29.11 -18.91
CA GLY A 17 -11.13 -29.90 -18.41
C GLY A 17 -9.80 -29.69 -19.09
N ALA A 18 -9.59 -28.51 -19.69
CA ALA A 18 -8.34 -28.18 -20.37
C ALA A 18 -7.58 -27.09 -19.62
N ILE A 19 -6.23 -27.17 -19.64
CA ILE A 19 -5.33 -26.21 -18.95
C ILE A 19 -5.39 -24.85 -19.67
N VAL A 20 -5.75 -23.81 -18.89
CA VAL A 20 -5.88 -22.43 -19.37
C VAL A 20 -4.70 -21.60 -18.90
N SER A 21 -4.00 -20.93 -19.83
CA SER A 21 -2.86 -20.08 -19.52
C SER A 21 -3.21 -18.60 -19.75
N LEU A 22 -3.37 -17.85 -18.65
CA LEU A 22 -3.65 -16.41 -18.67
C LEU A 22 -2.44 -15.68 -18.16
N ASN A 23 -1.89 -14.75 -18.95
CA ASN A 23 -0.68 -14.06 -18.49
C ASN A 23 -0.76 -12.52 -18.59
N CYS A 24 0.10 -11.88 -17.79
CA CYS A 24 0.29 -10.43 -17.69
C CYS A 24 1.78 -10.12 -17.84
N THR A 25 2.09 -9.01 -18.53
CA THR A 25 3.46 -8.56 -18.72
C THR A 25 3.57 -7.17 -18.13
N TYR A 26 4.69 -6.86 -17.45
CA TYR A 26 4.83 -5.54 -16.85
C TYR A 26 6.10 -4.81 -17.31
N SER A 27 6.64 -5.19 -18.48
CA SER A 27 7.77 -4.46 -19.04
C SER A 27 7.22 -3.17 -19.65
N ASN A 28 7.75 -1.99 -19.27
CA ASN A 28 8.89 -1.82 -18.38
C ASN A 28 8.49 -1.01 -17.13
N SER A 29 8.40 -1.73 -15.99
CA SER A 29 8.09 -1.26 -14.64
C SER A 29 8.76 -2.20 -13.65
N ALA A 30 8.89 -1.83 -12.39
CA ALA A 30 9.55 -2.70 -11.41
C ALA A 30 8.62 -3.05 -10.25
N PHE A 31 7.58 -3.83 -10.57
CA PHE A 31 6.59 -4.28 -9.60
C PHE A 31 7.18 -5.36 -8.68
N GLN A 32 6.63 -5.49 -7.47
CA GLN A 32 7.17 -6.41 -6.47
C GLN A 32 6.14 -7.43 -5.99
N TYR A 33 4.87 -7.02 -5.88
CA TYR A 33 3.80 -7.89 -5.39
C TYR A 33 2.73 -8.03 -6.47
N PHE A 34 2.29 -9.27 -6.73
CA PHE A 34 1.38 -9.56 -7.81
C PHE A 34 0.11 -10.27 -7.36
N MET A 35 -1.03 -9.78 -7.84
CA MET A 35 -2.38 -10.24 -7.52
C MET A 35 -3.08 -10.86 -8.73
N TRP A 36 -4.12 -11.66 -8.46
CA TRP A 36 -5.00 -12.28 -9.47
C TRP A 36 -6.42 -12.21 -8.93
N TYR A 37 -7.36 -11.84 -9.80
CA TYR A 37 -8.76 -11.65 -9.46
C TYR A 37 -9.69 -12.33 -10.45
N ARG A 38 -10.87 -12.69 -9.96
CA ARG A 38 -11.95 -13.30 -10.72
C ARG A 38 -13.18 -12.41 -10.58
N GLN A 39 -13.88 -12.17 -11.70
CA GLN A 39 -15.08 -11.34 -11.65
C GLN A 39 -16.19 -11.94 -12.53
N TYR A 40 -17.25 -12.40 -11.86
CA TYR A 40 -18.42 -12.97 -12.52
C TYR A 40 -19.39 -11.85 -12.89
N SER A 41 -20.23 -12.11 -13.90
CA SER A 41 -21.25 -11.16 -14.34
C SER A 41 -22.19 -10.83 -13.17
N ARG A 42 -22.49 -9.53 -12.99
CA ARG A 42 -23.36 -8.97 -11.93
C ARG A 42 -22.73 -9.17 -10.52
N LYS A 43 -21.38 -9.24 -10.43
CA LYS A 43 -20.63 -9.42 -9.18
C LYS A 43 -19.36 -8.55 -9.15
N GLY A 44 -18.73 -8.47 -7.98
CA GLY A 44 -17.50 -7.71 -7.76
C GLY A 44 -16.25 -8.56 -7.83
N PRO A 45 -15.03 -7.95 -8.05
CA PRO A 45 -13.80 -8.76 -8.13
C PRO A 45 -13.51 -9.54 -6.85
N GLU A 46 -12.99 -10.76 -7.00
CA GLU A 46 -12.68 -11.69 -5.92
C GLU A 46 -11.25 -12.20 -6.08
N LEU A 47 -10.39 -11.92 -5.08
CA LEU A 47 -8.97 -12.32 -5.08
C LEU A 47 -8.80 -13.85 -5.16
N LEU A 48 -8.06 -14.30 -6.19
CA LEU A 48 -7.74 -15.71 -6.40
C LEU A 48 -6.46 -16.04 -5.66
N MET A 49 -5.35 -15.41 -6.10
CA MET A 49 -4.02 -15.60 -5.53
C MET A 49 -3.23 -14.29 -5.45
N TYR A 50 -2.28 -14.26 -4.51
CA TYR A 50 -1.36 -13.16 -4.21
C TYR A 50 0.01 -13.76 -3.96
N THR A 51 0.99 -13.32 -4.76
CA THR A 51 2.36 -13.82 -4.63
C THR A 51 3.33 -12.67 -4.87
N TYR A 52 4.35 -12.58 -4.01
CA TYR A 52 5.39 -11.54 -3.96
C TYR A 52 6.76 -12.04 -4.41
N SER A 53 7.00 -13.35 -4.34
CA SER A 53 8.27 -13.96 -4.72
C SER A 53 8.24 -14.53 -6.15
N SER A 54 9.42 -14.58 -6.80
CA SER A 54 9.62 -15.14 -8.15
C SER A 54 9.43 -16.67 -8.11
N GLY A 55 8.57 -17.16 -8.99
CA GLY A 55 8.25 -18.58 -9.06
C GLY A 55 6.76 -18.89 -9.02
N ASN A 56 6.43 -20.16 -8.74
CA ASN A 56 5.05 -20.65 -8.71
C ASN A 56 4.52 -20.92 -7.30
N LYS A 57 3.18 -20.80 -7.16
CA LYS A 57 2.41 -21.03 -5.93
C LYS A 57 1.11 -21.71 -6.32
N GLU A 58 0.86 -22.91 -5.75
CA GLU A 58 -0.34 -23.67 -6.03
C GLU A 58 -1.42 -23.41 -4.98
N ASP A 59 -2.69 -23.49 -5.41
CA ASP A 59 -3.91 -23.30 -4.61
C ASP A 59 -5.07 -23.97 -5.34
N GLY A 60 -5.14 -25.29 -5.18
CA GLY A 60 -6.17 -26.12 -5.81
C GLY A 60 -5.88 -26.34 -7.27
N ARG A 61 -6.77 -25.85 -8.15
CA ARG A 61 -6.64 -25.98 -9.60
C ARG A 61 -5.93 -24.76 -10.20
N PHE A 62 -5.48 -23.83 -9.34
CA PHE A 62 -4.82 -22.60 -9.75
C PHE A 62 -3.33 -22.55 -9.38
N THR A 63 -2.49 -22.23 -10.38
CA THR A 63 -1.04 -22.05 -10.23
C THR A 63 -0.70 -20.63 -10.68
N ALA A 64 -0.02 -19.85 -9.82
CA ALA A 64 0.37 -18.47 -10.12
C ALA A 64 1.88 -18.34 -10.27
N GLN A 65 2.38 -18.33 -11.53
CA GLN A 65 3.80 -18.24 -11.87
C GLN A 65 4.23 -16.78 -12.06
N VAL A 66 5.38 -16.43 -11.44
CA VAL A 66 5.96 -15.08 -11.47
C VAL A 66 7.41 -15.15 -11.94
N ASP A 67 7.80 -14.21 -12.82
CA ASP A 67 9.17 -14.04 -13.30
C ASP A 67 9.55 -12.56 -13.22
N LYS A 68 10.23 -12.19 -12.13
CA LYS A 68 10.71 -10.84 -11.87
C LYS A 68 11.83 -10.46 -12.88
N SER A 69 12.60 -11.47 -13.37
CA SER A 69 13.67 -11.24 -14.33
C SER A 69 13.10 -10.93 -15.74
N SER A 70 12.21 -11.80 -16.27
CA SER A 70 11.60 -11.64 -17.61
C SER A 70 10.45 -10.61 -17.58
N LYS A 71 10.06 -10.12 -16.38
CA LYS A 71 9.01 -9.13 -16.12
C LYS A 71 7.67 -9.58 -16.74
N TYR A 72 7.18 -10.75 -16.31
CA TYR A 72 5.92 -11.34 -16.77
C TYR A 72 5.39 -12.32 -15.71
N ILE A 73 4.08 -12.28 -15.49
CA ILE A 73 3.41 -13.15 -14.52
C ILE A 73 2.28 -13.90 -15.24
N SER A 74 1.89 -15.08 -14.72
CA SER A 74 0.88 -15.91 -15.35
C SER A 74 0.07 -16.72 -14.33
N LEU A 75 -1.17 -17.08 -14.70
CA LEU A 75 -2.09 -17.90 -13.92
C LEU A 75 -2.57 -19.11 -14.76
N PHE A 76 -2.29 -20.33 -14.28
CA PHE A 76 -2.67 -21.57 -14.94
C PHE A 76 -3.80 -22.27 -14.20
N ILE A 77 -4.88 -22.60 -14.93
CA ILE A 77 -6.03 -23.30 -14.37
C ILE A 77 -6.03 -24.74 -14.91
N ARG A 78 -5.67 -25.72 -14.06
CA ARG A 78 -5.64 -27.14 -14.41
C ARG A 78 -7.05 -27.73 -14.35
N ASP A 79 -7.41 -28.56 -15.35
CA ASP A 79 -8.72 -29.24 -15.47
C ASP A 79 -9.86 -28.25 -15.17
N SER A 80 -9.91 -27.14 -15.94
CA SER A 80 -10.86 -26.04 -15.80
C SER A 80 -12.31 -26.50 -15.98
N GLN A 81 -13.18 -26.04 -15.08
CA GLN A 81 -14.61 -26.34 -15.07
C GLN A 81 -15.41 -25.18 -15.70
N PRO A 82 -16.65 -25.39 -16.22
CA PRO A 82 -17.41 -24.25 -16.77
C PRO A 82 -17.73 -23.18 -15.71
N SER A 83 -17.49 -23.51 -14.42
CA SER A 83 -17.65 -22.63 -13.25
C SER A 83 -16.69 -21.45 -13.33
N ASP A 84 -15.49 -21.70 -13.89
CA ASP A 84 -14.40 -20.75 -14.06
C ASP A 84 -14.67 -19.65 -15.11
N SER A 85 -15.76 -19.75 -15.91
CA SER A 85 -16.12 -18.75 -16.91
C SER A 85 -16.43 -17.43 -16.21
N ALA A 86 -15.48 -16.46 -16.37
CA ALA A 86 -15.50 -15.12 -15.77
C ALA A 86 -14.35 -14.25 -16.33
N THR A 87 -14.23 -13.01 -15.81
CA THR A 87 -13.16 -12.09 -16.18
C THR A 87 -12.01 -12.27 -15.21
N TYR A 88 -10.78 -12.32 -15.73
CA TYR A 88 -9.61 -12.54 -14.92
C TYR A 88 -8.72 -11.30 -14.97
N LEU A 89 -8.75 -10.53 -13.86
CA LEU A 89 -8.02 -9.28 -13.69
C LEU A 89 -6.74 -9.48 -12.91
N CYS A 90 -5.63 -8.84 -13.35
CA CYS A 90 -4.36 -8.88 -12.65
C CYS A 90 -3.94 -7.47 -12.23
N ALA A 91 -3.40 -7.35 -11.02
CA ALA A 91 -2.92 -6.10 -10.46
C ALA A 91 -1.54 -6.29 -9.90
N MET A 92 -0.71 -5.23 -9.93
CA MET A 92 0.66 -5.30 -9.46
C MET A 92 1.00 -4.06 -8.60
N SER A 93 1.76 -4.28 -7.50
CA SER A 93 2.20 -3.27 -6.52
C SER A 93 3.71 -3.26 -6.35
N GLY A 94 4.23 -2.41 -5.46
CA GLY A 94 5.64 -2.38 -5.11
C GLY A 94 6.50 -1.39 -5.87
N ASP A 95 6.05 -0.97 -7.07
CA ASP A 95 6.83 -0.01 -7.85
C ASP A 95 6.51 1.39 -7.34
N LEU A 96 7.46 1.98 -6.57
CA LEU A 96 7.30 3.32 -5.98
C LEU A 96 7.22 4.41 -7.04
N ASN A 97 7.45 4.06 -8.32
CA ASN A 97 7.38 5.03 -9.39
C ASN A 97 6.06 4.91 -10.16
N THR A 98 5.42 3.71 -10.13
CA THR A 98 4.10 3.51 -10.74
C THR A 98 3.06 3.57 -9.62
N ASN A 99 2.25 4.65 -9.64
CA ASN A 99 1.20 5.01 -8.68
C ASN A 99 1.74 4.97 -7.24
N ALA A 100 2.99 5.48 -7.08
CA ALA A 100 3.74 5.57 -5.83
C ALA A 100 3.66 4.28 -4.96
N GLY A 101 3.69 3.11 -5.61
CA GLY A 101 3.67 1.83 -4.90
C GLY A 101 2.35 1.08 -4.94
N LYS A 102 1.22 1.83 -4.97
CA LYS A 102 -0.15 1.29 -5.00
C LYS A 102 -0.38 0.43 -6.25
N SER A 103 -1.29 -0.55 -6.16
CA SER A 103 -1.60 -1.51 -7.22
C SER A 103 -2.14 -0.84 -8.51
N THR A 104 -1.65 -1.35 -9.65
CA THR A 104 -1.96 -0.96 -11.02
C THR A 104 -2.70 -2.13 -11.63
N PHE A 105 -3.92 -1.90 -12.11
CA PHE A 105 -4.71 -2.98 -12.69
C PHE A 105 -4.57 -3.06 -14.21
N GLY A 106 -4.53 -4.30 -14.72
CA GLY A 106 -4.52 -4.59 -16.15
C GLY A 106 -5.93 -4.40 -16.70
N ASP A 107 -6.11 -4.43 -18.04
CA ASP A 107 -7.43 -4.22 -18.66
C ASP A 107 -8.41 -5.34 -18.32
N GLY A 108 -7.96 -6.59 -18.41
CA GLY A 108 -8.76 -7.77 -18.10
C GLY A 108 -8.90 -8.77 -19.25
N THR A 109 -9.04 -10.06 -18.90
CA THR A 109 -9.21 -11.16 -19.85
C THR A 109 -10.52 -11.90 -19.58
N THR A 110 -11.39 -12.00 -20.61
CA THR A 110 -12.64 -12.73 -20.48
C THR A 110 -12.41 -14.19 -20.92
N LEU A 111 -12.91 -15.13 -20.12
CA LEU A 111 -12.75 -16.56 -20.36
C LEU A 111 -14.10 -17.27 -20.33
N THR A 112 -14.32 -18.17 -21.30
CA THR A 112 -15.52 -18.99 -21.45
C THR A 112 -15.09 -20.45 -21.59
N VAL A 113 -15.54 -21.30 -20.64
CA VAL A 113 -15.21 -22.73 -20.60
C VAL A 113 -16.45 -23.52 -21.03
N LYS A 114 -16.44 -23.96 -22.31
CA LYS A 114 -17.50 -24.72 -22.98
C LYS A 114 -17.67 -26.09 -22.29
N PRO A 115 -18.93 -26.52 -21.98
CA PRO A 115 -19.11 -27.80 -21.27
C PRO A 115 -18.92 -29.04 -22.15
N ASN A 116 -18.65 -30.19 -21.50
CA ASN A 116 -18.49 -31.49 -22.15
C ASN A 116 -19.89 -32.03 -22.45
N ILE A 117 -20.41 -31.65 -23.63
CA ILE A 117 -21.74 -31.96 -24.19
C ILE A 117 -22.19 -33.40 -23.96
N GLN A 118 -21.33 -34.42 -24.30
CA GLN A 118 -21.73 -35.80 -24.24
C GLN A 118 -22.80 -35.91 -25.31
N ASN A 119 -23.99 -36.38 -24.90
CA ASN A 119 -25.12 -36.68 -25.78
C ASN A 119 -25.80 -35.41 -26.35
N PRO A 120 -25.69 -35.17 -27.69
CA PRO A 120 -26.35 -34.01 -28.29
C PRO A 120 -27.77 -34.34 -28.79
N ASP A 121 -28.70 -33.37 -28.70
CA ASP A 121 -30.08 -33.60 -29.16
C ASP A 121 -30.65 -32.36 -29.92
N PRO A 122 -30.88 -32.49 -31.25
CA PRO A 122 -31.43 -31.34 -32.00
C PRO A 122 -32.93 -31.21 -31.79
N ALA A 123 -33.33 -30.32 -30.85
CA ALA A 123 -34.74 -30.08 -30.49
C ALA A 123 -35.02 -28.61 -30.16
N VAL A 124 -36.21 -28.12 -30.59
CA VAL A 124 -36.71 -26.77 -30.37
C VAL A 124 -38.23 -26.81 -30.18
N TYR A 125 -38.68 -27.28 -29.01
CA TYR A 125 -40.10 -27.41 -28.65
C TYR A 125 -40.73 -26.06 -28.30
N GLN A 126 -42.04 -25.91 -28.59
CA GLN A 126 -42.80 -24.67 -28.30
C GLN A 126 -43.38 -24.72 -26.89
N LEU A 127 -43.29 -23.60 -26.14
CA LEU A 127 -43.77 -23.50 -24.77
C LEU A 127 -44.82 -22.38 -24.60
N ARG A 128 -46.06 -22.76 -24.22
CA ARG A 128 -47.18 -21.84 -24.00
C ARG A 128 -47.13 -21.29 -22.57
N ASP A 129 -47.39 -19.98 -22.39
CA ASP A 129 -47.35 -19.29 -21.11
C ASP A 129 -48.49 -19.74 -20.18
N SER A 130 -48.26 -19.64 -18.85
CA SER A 130 -49.19 -20.07 -17.80
C SER A 130 -50.43 -19.15 -17.67
N LYS A 131 -50.26 -17.95 -17.05
CA LYS A 131 -51.33 -16.97 -16.80
C LYS A 131 -51.98 -16.48 -18.10
N SER A 132 -51.16 -16.15 -19.12
CA SER A 132 -51.64 -15.70 -20.40
C SER A 132 -51.48 -16.89 -21.30
N SER A 133 -52.59 -17.37 -21.85
CA SER A 133 -52.58 -18.57 -22.70
C SER A 133 -52.60 -18.23 -24.20
N ASP A 134 -52.28 -16.97 -24.53
CA ASP A 134 -52.24 -16.46 -25.91
C ASP A 134 -50.81 -16.26 -26.45
N LYS A 135 -49.86 -15.87 -25.57
CA LYS A 135 -48.45 -15.65 -25.91
C LYS A 135 -47.63 -16.93 -25.90
N SER A 136 -46.67 -17.05 -26.84
CA SER A 136 -45.79 -18.22 -26.96
C SER A 136 -44.35 -17.86 -27.32
N VAL A 137 -43.39 -18.65 -26.79
CA VAL A 137 -41.94 -18.49 -27.01
C VAL A 137 -41.23 -19.83 -26.83
N CYS A 138 -40.72 -20.42 -27.92
CA CYS A 138 -40.03 -21.72 -27.94
C CYS A 138 -38.50 -21.61 -27.77
N LEU A 139 -37.90 -22.59 -27.08
CA LEU A 139 -36.46 -22.62 -26.80
C LEU A 139 -35.78 -23.81 -27.50
N PHE A 140 -34.61 -23.55 -28.14
CA PHE A 140 -33.80 -24.54 -28.85
C PHE A 140 -32.73 -25.13 -27.90
N THR A 141 -33.20 -25.94 -26.93
CA THR A 141 -32.39 -26.60 -25.90
C THR A 141 -31.52 -27.74 -26.48
N ASP A 142 -30.56 -28.25 -25.65
CA ASP A 142 -29.61 -29.34 -25.92
C ASP A 142 -28.76 -29.06 -27.18
N PHE A 143 -28.35 -27.79 -27.36
CA PHE A 143 -27.55 -27.30 -28.49
C PHE A 143 -26.11 -27.85 -28.44
N ASP A 144 -25.38 -27.71 -29.57
CA ASP A 144 -24.00 -28.17 -29.68
C ASP A 144 -23.02 -27.07 -29.27
N SER A 145 -21.88 -27.47 -28.67
CA SER A 145 -20.81 -26.55 -28.24
C SER A 145 -20.17 -25.90 -29.46
N GLN A 146 -20.05 -26.67 -30.57
CA GLN A 146 -19.49 -26.23 -31.85
C GLN A 146 -20.46 -25.28 -32.59
N THR A 147 -21.77 -25.33 -32.26
CA THR A 147 -22.83 -24.50 -32.84
C THR A 147 -22.90 -23.17 -32.06
N ASN A 148 -22.82 -22.04 -32.77
CA ASN A 148 -22.89 -20.70 -32.19
C ASN A 148 -24.26 -20.09 -32.41
N VAL A 149 -24.81 -19.43 -31.36
CA VAL A 149 -26.11 -18.77 -31.37
C VAL A 149 -26.04 -17.50 -32.23
N SER A 150 -26.74 -17.52 -33.38
CA SER A 150 -26.78 -16.42 -34.34
C SER A 150 -27.86 -15.39 -33.98
N GLN A 151 -27.49 -14.10 -33.97
CA GLN A 151 -28.39 -12.98 -33.66
C GLN A 151 -29.37 -12.77 -34.82
N SER A 152 -30.64 -12.45 -34.50
CA SER A 152 -31.71 -12.26 -35.48
C SER A 152 -31.51 -10.98 -36.30
N LYS A 153 -31.78 -11.07 -37.62
CA LYS A 153 -31.69 -9.96 -38.58
C LYS A 153 -33.00 -9.17 -38.65
N ASP A 154 -34.15 -9.88 -38.48
CA ASP A 154 -35.48 -9.29 -38.48
C ASP A 154 -35.76 -8.61 -37.13
N SER A 155 -36.36 -7.41 -37.17
CA SER A 155 -36.70 -6.60 -35.99
C SER A 155 -37.78 -7.29 -35.12
N ASP A 156 -38.67 -8.07 -35.75
CA ASP A 156 -39.76 -8.79 -35.10
C ASP A 156 -39.22 -9.97 -34.27
N VAL A 157 -38.32 -10.78 -34.85
CA VAL A 157 -37.72 -11.94 -34.20
C VAL A 157 -36.68 -11.53 -33.15
N TYR A 158 -36.66 -12.24 -32.00
CA TYR A 158 -35.73 -11.99 -30.89
C TYR A 158 -35.21 -13.32 -30.30
N ILE A 159 -33.89 -13.54 -30.38
CA ILE A 159 -33.21 -14.75 -29.89
C ILE A 159 -32.13 -14.39 -28.86
N THR A 160 -31.95 -15.25 -27.84
CA THR A 160 -30.98 -15.08 -26.75
C THR A 160 -29.68 -15.84 -27.01
N ASP A 161 -28.58 -15.39 -26.36
CA ASP A 161 -27.25 -15.99 -26.45
C ASP A 161 -27.22 -17.39 -25.79
N LYS A 162 -26.16 -18.17 -26.10
CA LYS A 162 -25.95 -19.52 -25.56
C LYS A 162 -25.80 -19.47 -24.04
N CYS A 163 -26.60 -20.29 -23.33
CA CYS A 163 -26.63 -20.38 -21.87
C CYS A 163 -26.52 -21.84 -21.43
N VAL A 164 -25.72 -22.12 -20.38
CA VAL A 164 -25.51 -23.49 -19.89
C VAL A 164 -26.01 -23.64 -18.42
N LEU A 165 -26.99 -24.54 -18.22
CA LEU A 165 -27.59 -24.86 -16.92
C LEU A 165 -26.98 -26.15 -16.36
N ASP A 166 -26.78 -26.24 -15.03
CA ASP A 166 -26.20 -27.42 -14.40
C ASP A 166 -27.04 -27.92 -13.22
N MET A 167 -27.12 -29.26 -13.05
CA MET A 167 -27.85 -29.95 -11.99
C MET A 167 -26.87 -30.43 -10.92
N ARG A 168 -27.12 -30.07 -9.65
CA ARG A 168 -26.25 -30.40 -8.52
C ARG A 168 -26.33 -31.88 -8.09
N SER A 169 -27.48 -32.54 -8.32
CA SER A 169 -27.69 -33.94 -7.93
C SER A 169 -27.44 -34.91 -9.09
N MET A 170 -28.08 -34.68 -10.26
CA MET A 170 -27.97 -35.56 -11.43
C MET A 170 -26.67 -35.32 -12.25
N ASP A 171 -25.91 -34.24 -11.93
CA ASP A 171 -24.64 -33.84 -12.56
C ASP A 171 -24.79 -33.69 -14.10
N PHE A 172 -25.93 -33.13 -14.54
CA PHE A 172 -26.25 -32.92 -15.95
C PHE A 172 -26.14 -31.44 -16.33
N LYS A 173 -25.53 -31.16 -17.50
CA LYS A 173 -25.36 -29.81 -18.06
C LYS A 173 -26.08 -29.73 -19.41
N SER A 174 -26.71 -28.56 -19.72
CA SER A 174 -27.43 -28.38 -20.98
C SER A 174 -27.32 -26.95 -21.53
N ASN A 175 -26.86 -26.83 -22.80
CA ASN A 175 -26.72 -25.56 -23.50
C ASN A 175 -28.06 -25.21 -24.17
N SER A 176 -28.82 -24.26 -23.57
CA SER A 176 -30.14 -23.84 -24.04
C SER A 176 -30.18 -22.38 -24.49
N ALA A 177 -30.99 -22.10 -25.54
CA ALA A 177 -31.20 -20.76 -26.08
C ALA A 177 -32.70 -20.54 -26.33
N VAL A 178 -33.25 -19.44 -25.81
CA VAL A 178 -34.68 -19.09 -25.90
C VAL A 178 -34.92 -18.02 -26.98
N ALA A 179 -36.05 -18.17 -27.72
CA ALA A 179 -36.48 -17.25 -28.77
C ALA A 179 -37.99 -16.96 -28.65
N TRP A 180 -38.36 -15.67 -28.69
CA TRP A 180 -39.76 -15.22 -28.56
C TRP A 180 -40.04 -13.99 -29.42
N SER A 181 -41.28 -13.89 -29.95
CA SER A 181 -41.73 -12.78 -30.80
C SER A 181 -43.26 -12.59 -30.71
N ASN A 182 -43.72 -11.35 -30.95
CA ASN A 182 -45.14 -10.98 -30.92
C ASN A 182 -45.63 -10.66 -32.36
N LYS A 183 -45.44 -11.62 -33.29
CA LYS A 183 -45.84 -11.49 -34.69
C LYS A 183 -46.94 -12.49 -35.05
N SER A 184 -47.84 -12.09 -35.99
CA SER A 184 -48.96 -12.91 -36.47
C SER A 184 -48.45 -14.19 -37.12
N ASP A 185 -48.71 -15.34 -36.45
CA ASP A 185 -48.29 -16.70 -36.81
C ASP A 185 -46.75 -16.81 -36.80
N PHE A 186 -46.17 -17.07 -35.60
CA PHE A 186 -44.73 -17.21 -35.39
C PHE A 186 -44.34 -18.70 -35.41
N ALA A 187 -43.46 -19.08 -36.35
CA ALA A 187 -43.00 -20.45 -36.54
C ALA A 187 -41.67 -20.72 -35.83
N CYS A 188 -41.49 -21.98 -35.35
CA CYS A 188 -40.30 -22.42 -34.64
C CYS A 188 -39.10 -22.56 -35.58
N ALA A 189 -39.25 -23.31 -36.70
CA ALA A 189 -38.21 -23.58 -37.70
C ALA A 189 -37.76 -22.31 -38.44
N ASN A 190 -38.71 -21.40 -38.75
CA ASN A 190 -38.44 -20.15 -39.46
C ASN A 190 -37.65 -19.16 -38.60
N ALA A 191 -37.87 -19.18 -37.26
CA ALA A 191 -37.20 -18.31 -36.29
C ALA A 191 -35.70 -18.61 -36.17
N PHE A 192 -35.30 -19.90 -36.22
CA PHE A 192 -33.90 -20.33 -36.12
C PHE A 192 -33.17 -20.10 -37.44
N ASN A 193 -32.02 -19.39 -37.36
CA ASN A 193 -31.17 -19.06 -38.51
C ASN A 193 -29.71 -18.91 -38.08
N GLY B 4 -15.79 -7.76 5.67
CA GLY B 4 -15.77 -7.39 4.26
C GLY B 4 -16.19 -5.95 3.96
N VAL B 5 -16.27 -5.62 2.64
CA VAL B 5 -16.66 -4.30 2.13
C VAL B 5 -18.12 -4.35 1.67
N THR B 6 -18.93 -3.39 2.15
CA THR B 6 -20.35 -3.28 1.84
C THR B 6 -20.66 -1.86 1.40
N GLN B 7 -20.91 -1.68 0.10
CA GLN B 7 -21.23 -0.38 -0.47
C GLN B 7 -22.75 -0.21 -0.64
N THR B 8 -23.24 1.02 -0.40
CA THR B 8 -24.66 1.38 -0.45
C THR B 8 -24.91 2.47 -1.52
N PRO B 9 -25.92 2.36 -2.41
CA PRO B 9 -26.86 1.24 -2.61
C PRO B 9 -26.29 0.22 -3.59
N LYS B 10 -27.13 -0.72 -4.08
CA LYS B 10 -26.70 -1.72 -5.05
C LYS B 10 -26.99 -1.20 -6.45
N PHE B 11 -28.12 -0.47 -6.59
CA PHE B 11 -28.61 0.14 -7.83
C PHE B 11 -29.19 1.52 -7.55
N GLN B 12 -29.18 2.42 -8.56
CA GLN B 12 -29.76 3.77 -8.47
C GLN B 12 -30.01 4.35 -9.85
N VAL B 13 -31.23 4.85 -10.08
CA VAL B 13 -31.63 5.54 -11.32
C VAL B 13 -31.91 6.98 -10.94
N LEU B 14 -31.15 7.93 -11.52
CA LEU B 14 -31.31 9.36 -11.20
C LEU B 14 -31.37 10.24 -12.47
N LYS B 15 -31.86 11.49 -12.33
CA LYS B 15 -31.93 12.46 -13.42
C LYS B 15 -30.64 13.30 -13.45
N THR B 16 -30.33 13.91 -14.61
CA THR B 16 -29.13 14.75 -14.83
C THR B 16 -29.10 15.96 -13.85
N GLY B 17 -27.89 16.33 -13.42
CA GLY B 17 -27.63 17.44 -12.52
C GLY B 17 -28.15 17.28 -11.09
N GLN B 18 -28.29 16.01 -10.64
CA GLN B 18 -28.80 15.66 -9.31
C GLN B 18 -27.69 15.06 -8.42
N SER B 19 -27.60 15.54 -7.16
CA SER B 19 -26.63 15.09 -6.15
C SER B 19 -26.90 13.65 -5.74
N MET B 20 -25.82 12.87 -5.53
CA MET B 20 -25.88 11.47 -5.15
C MET B 20 -24.61 11.06 -4.43
N THR B 21 -24.76 10.60 -3.18
CA THR B 21 -23.65 10.11 -2.38
C THR B 21 -23.83 8.62 -2.22
N LEU B 22 -22.91 7.81 -2.77
CA LEU B 22 -23.00 6.37 -2.59
C LEU B 22 -22.01 5.99 -1.47
N GLN B 23 -22.53 5.38 -0.40
CA GLN B 23 -21.80 5.03 0.82
C GLN B 23 -20.95 3.76 0.66
N CYS B 24 -19.92 3.61 1.55
CA CYS B 24 -19.02 2.46 1.62
C CYS B 24 -18.58 2.19 3.06
N ALA B 25 -18.73 0.93 3.48
CA ALA B 25 -18.36 0.47 4.81
C ALA B 25 -17.23 -0.56 4.75
N GLN B 26 -16.42 -0.61 5.81
CA GLN B 26 -15.29 -1.51 5.99
C GLN B 26 -15.11 -1.76 7.49
N ASP B 27 -15.18 -3.03 7.92
CA ASP B 27 -15.05 -3.41 9.34
C ASP B 27 -13.67 -4.03 9.65
N MET B 28 -12.89 -4.33 8.61
CA MET B 28 -11.58 -4.99 8.69
C MET B 28 -10.46 -4.11 9.29
N ASN B 29 -10.74 -2.83 9.59
CA ASN B 29 -9.81 -1.82 10.16
C ASN B 29 -8.65 -1.47 9.18
N HIS B 30 -8.91 -1.54 7.85
CA HIS B 30 -7.97 -1.21 6.78
C HIS B 30 -7.71 0.29 6.68
N GLU B 31 -6.44 0.67 6.48
CA GLU B 31 -6.08 2.09 6.38
C GLU B 31 -6.51 2.65 5.02
N TYR B 32 -6.13 1.94 3.94
CA TYR B 32 -6.37 2.30 2.54
C TYR B 32 -7.77 1.94 2.06
N MET B 33 -8.42 2.87 1.35
CA MET B 33 -9.75 2.72 0.75
C MET B 33 -9.78 3.46 -0.60
N SER B 34 -10.46 2.86 -1.61
CA SER B 34 -10.52 3.38 -2.98
C SER B 34 -11.89 3.23 -3.65
N TRP B 35 -12.09 4.02 -4.71
CA TRP B 35 -13.28 4.04 -5.54
C TRP B 35 -12.90 3.86 -6.99
N TYR B 36 -13.38 2.77 -7.59
CA TYR B 36 -13.16 2.45 -8.99
C TYR B 36 -14.48 2.47 -9.74
N ARG B 37 -14.45 2.77 -11.04
CA ARG B 37 -15.63 2.70 -11.88
C ARG B 37 -15.30 1.76 -13.04
N GLN B 38 -16.25 0.90 -13.45
CA GLN B 38 -15.97 -0.08 -14.51
C GLN B 38 -16.95 0.02 -15.68
N ASP B 39 -16.40 0.33 -16.86
CA ASP B 39 -17.11 0.44 -18.11
C ASP B 39 -16.57 -0.57 -19.13
N PRO B 40 -17.41 -1.11 -20.06
CA PRO B 40 -16.90 -2.09 -21.03
C PRO B 40 -15.79 -1.49 -21.92
N GLY B 41 -14.60 -2.10 -21.84
CA GLY B 41 -13.42 -1.69 -22.59
C GLY B 41 -12.27 -1.19 -21.74
N MET B 42 -12.49 -0.07 -21.04
CA MET B 42 -11.50 0.60 -20.19
C MET B 42 -11.15 -0.17 -18.89
N GLY B 43 -12.04 -1.06 -18.44
CA GLY B 43 -11.84 -1.85 -17.22
C GLY B 43 -11.96 -1.01 -15.96
N LEU B 44 -11.11 -1.31 -14.94
CA LEU B 44 -11.11 -0.59 -13.66
C LEU B 44 -10.27 0.69 -13.70
N ARG B 45 -10.92 1.83 -13.46
CA ARG B 45 -10.27 3.15 -13.46
C ARG B 45 -10.41 3.76 -12.07
N LEU B 46 -9.27 4.15 -11.44
CA LEU B 46 -9.27 4.73 -10.08
C LEU B 46 -9.82 6.15 -10.08
N ILE B 47 -10.88 6.39 -9.30
CA ILE B 47 -11.47 7.73 -9.19
C ILE B 47 -10.71 8.51 -8.12
N HIS B 48 -10.77 8.02 -6.87
CA HIS B 48 -10.16 8.62 -5.69
C HIS B 48 -9.78 7.56 -4.69
N TYR B 49 -8.76 7.85 -3.85
CA TYR B 49 -8.27 6.95 -2.83
C TYR B 49 -7.93 7.69 -1.54
N SER B 50 -8.07 6.98 -0.43
CA SER B 50 -7.77 7.48 0.89
C SER B 50 -6.77 6.57 1.54
N VAL B 51 -5.61 7.11 1.95
CA VAL B 51 -4.57 6.29 2.56
C VAL B 51 -4.78 6.18 4.07
N GLY B 52 -5.58 7.08 4.63
CA GLY B 52 -5.90 7.09 6.05
C GLY B 52 -6.95 8.14 6.31
N ALA B 53 -7.40 8.25 7.58
CA ALA B 53 -8.40 9.24 7.98
C ALA B 53 -7.91 10.65 7.69
N GLY B 54 -8.81 11.47 7.12
CA GLY B 54 -8.54 12.87 6.76
C GLY B 54 -7.55 13.09 5.63
N ILE B 55 -7.33 12.06 4.79
CA ILE B 55 -6.41 12.12 3.65
C ILE B 55 -7.12 11.55 2.42
N THR B 56 -7.24 12.34 1.36
CA THR B 56 -7.85 11.94 0.09
C THR B 56 -7.01 12.49 -1.06
N ASP B 57 -6.91 11.73 -2.15
CA ASP B 57 -6.18 12.16 -3.34
C ASP B 57 -6.89 11.72 -4.62
N GLN B 58 -6.54 12.37 -5.74
CA GLN B 58 -7.09 12.11 -7.06
C GLN B 58 -6.56 10.79 -7.63
N GLY B 59 -7.37 10.15 -8.46
CA GLY B 59 -6.99 8.92 -9.14
C GLY B 59 -6.65 9.19 -10.60
N GLU B 60 -7.22 8.40 -11.51
CA GLU B 60 -7.02 8.47 -12.95
C GLU B 60 -8.08 9.36 -13.61
N VAL B 61 -9.35 9.23 -13.17
CA VAL B 61 -10.52 9.96 -13.65
C VAL B 61 -11.25 10.56 -12.41
N PRO B 62 -10.69 11.63 -11.79
CA PRO B 62 -11.30 12.16 -10.56
C PRO B 62 -12.36 13.25 -10.76
N ASN B 63 -12.52 13.77 -12.00
CA ASN B 63 -13.45 14.85 -12.30
C ASN B 63 -14.92 14.40 -12.28
N GLY B 64 -15.73 15.23 -11.59
CA GLY B 64 -17.16 15.03 -11.39
C GLY B 64 -17.49 14.37 -10.07
N TYR B 65 -16.44 13.99 -9.32
CA TYR B 65 -16.57 13.29 -8.05
C TYR B 65 -15.82 13.96 -6.89
N ASN B 66 -16.38 13.78 -5.70
CA ASN B 66 -15.93 14.28 -4.40
C ASN B 66 -15.82 13.11 -3.41
N VAL B 67 -14.84 13.14 -2.49
CA VAL B 67 -14.66 12.08 -1.49
C VAL B 67 -14.33 12.68 -0.12
N SER B 68 -14.66 11.91 0.95
CA SER B 68 -14.40 12.28 2.35
C SER B 68 -13.95 11.07 3.17
N ARG B 69 -13.06 11.29 4.15
CA ARG B 69 -12.59 10.24 5.04
C ARG B 69 -12.57 10.81 6.47
N SER B 70 -13.78 11.02 7.03
CA SER B 70 -13.98 11.55 8.39
C SER B 70 -13.52 10.53 9.42
N THR B 71 -13.82 9.24 9.15
CA THR B 71 -13.44 8.08 9.97
C THR B 71 -12.66 7.10 9.09
N THR B 72 -12.02 6.10 9.72
CA THR B 72 -11.20 5.09 9.04
C THR B 72 -12.07 3.83 8.66
N GLU B 73 -13.42 3.99 8.60
CA GLU B 73 -14.36 2.91 8.26
C GLU B 73 -15.23 3.25 7.05
N ASP B 74 -15.63 4.53 6.92
CA ASP B 74 -16.50 4.98 5.85
C ASP B 74 -15.77 5.86 4.84
N PHE B 75 -15.96 5.55 3.54
CA PHE B 75 -15.41 6.31 2.43
C PHE B 75 -16.51 6.56 1.37
N PRO B 76 -17.32 7.62 1.56
CA PRO B 76 -18.40 7.87 0.59
C PRO B 76 -17.95 8.65 -0.65
N LEU B 77 -18.47 8.24 -1.81
CA LEU B 77 -18.24 8.88 -3.09
C LEU B 77 -19.43 9.78 -3.37
N ARG B 78 -19.18 11.04 -3.71
CA ARG B 78 -20.24 12.00 -3.99
C ARG B 78 -20.15 12.51 -5.40
N LEU B 79 -21.31 12.58 -6.08
CA LEU B 79 -21.50 13.12 -7.43
C LEU B 79 -22.29 14.40 -7.27
N LEU B 80 -21.72 15.56 -7.66
CA LEU B 80 -22.44 16.82 -7.51
C LEU B 80 -23.57 16.90 -8.58
N SER B 81 -23.22 17.22 -9.84
CA SER B 81 -24.17 17.26 -10.94
C SER B 81 -23.94 16.04 -11.79
N ALA B 82 -24.72 14.99 -11.54
CA ALA B 82 -24.60 13.71 -12.24
C ALA B 82 -24.95 13.84 -13.71
N ALA B 83 -24.11 13.28 -14.58
CA ALA B 83 -24.29 13.37 -16.04
C ALA B 83 -24.31 11.97 -16.69
N PRO B 84 -24.82 11.81 -17.94
CA PRO B 84 -24.82 10.48 -18.57
C PRO B 84 -23.44 9.86 -18.77
N SER B 85 -22.38 10.70 -18.65
CA SER B 85 -20.98 10.31 -18.75
C SER B 85 -20.57 9.51 -17.49
N GLN B 86 -21.40 9.57 -16.43
CA GLN B 86 -21.14 8.89 -15.15
C GLN B 86 -22.06 7.68 -14.95
N THR B 87 -22.80 7.27 -16.03
CA THR B 87 -23.66 6.08 -16.03
C THR B 87 -22.69 4.91 -16.11
N SER B 88 -22.46 4.24 -14.97
CA SER B 88 -21.45 3.18 -14.85
C SER B 88 -21.76 2.15 -13.74
N VAL B 89 -20.73 1.37 -13.38
CA VAL B 89 -20.68 0.37 -12.30
C VAL B 89 -19.54 0.81 -11.37
N TYR B 90 -19.87 1.12 -10.11
CA TYR B 90 -18.89 1.62 -9.15
C TYR B 90 -18.50 0.56 -8.13
N PHE B 91 -17.19 0.46 -7.88
CA PHE B 91 -16.62 -0.49 -6.93
C PHE B 91 -15.83 0.20 -5.86
N CYS B 92 -16.07 -0.23 -4.63
CA CYS B 92 -15.36 0.25 -3.46
C CYS B 92 -14.37 -0.83 -3.10
N ALA B 93 -13.12 -0.44 -2.80
CA ALA B 93 -12.10 -1.41 -2.45
C ALA B 93 -11.30 -0.95 -1.26
N SER B 94 -11.10 -1.84 -0.28
CA SER B 94 -10.29 -1.52 0.89
C SER B 94 -9.10 -2.48 1.00
N SER B 95 -7.97 -1.95 1.43
CA SER B 95 -6.74 -2.71 1.56
C SER B 95 -6.02 -2.35 2.84
N GLN B 96 -5.39 -3.34 3.47
CA GLN B 96 -4.62 -3.18 4.70
C GLN B 96 -3.49 -2.16 4.48
N GLY B 97 -2.78 -2.32 3.37
CA GLY B 97 -1.69 -1.43 2.96
C GLY B 97 -1.63 -1.18 1.45
N PRO B 98 -0.68 -0.36 0.97
CA PRO B 98 -0.60 -0.08 -0.48
C PRO B 98 -0.11 -1.26 -1.33
N PHE B 99 0.41 -2.33 -0.71
CA PHE B 99 1.00 -3.49 -1.37
C PHE B 99 0.18 -4.75 -1.14
N GLN B 100 -0.68 -4.74 -0.14
CA GLN B 100 -1.49 -5.90 0.18
C GLN B 100 -2.67 -5.99 -0.81
N PRO B 101 -3.30 -7.17 -1.02
CA PRO B 101 -4.41 -7.23 -1.99
C PRO B 101 -5.64 -6.48 -1.50
N GLN B 102 -6.45 -5.99 -2.43
CA GLN B 102 -7.66 -5.23 -2.11
C GLN B 102 -8.84 -6.17 -1.93
N HIS B 103 -9.84 -5.71 -1.14
CA HIS B 103 -11.11 -6.40 -0.86
C HIS B 103 -12.19 -5.53 -1.46
N PHE B 104 -12.86 -6.04 -2.51
CA PHE B 104 -13.85 -5.31 -3.31
C PHE B 104 -15.31 -5.51 -2.86
N GLY B 105 -16.09 -4.44 -3.01
CA GLY B 105 -17.52 -4.44 -2.74
C GLY B 105 -18.30 -5.11 -3.85
N ASP B 106 -19.61 -5.33 -3.66
CA ASP B 106 -20.46 -6.01 -4.63
C ASP B 106 -20.77 -5.12 -5.86
N GLY B 107 -20.43 -3.84 -5.77
CA GLY B 107 -20.66 -2.88 -6.85
C GLY B 107 -21.96 -2.12 -6.73
N THR B 108 -22.06 -1.00 -7.49
CA THR B 108 -23.25 -0.15 -7.55
C THR B 108 -23.47 0.26 -9.00
N ARG B 109 -24.68 -0.02 -9.53
CA ARG B 109 -25.04 0.35 -10.90
C ARG B 109 -25.76 1.71 -10.88
N LEU B 110 -25.26 2.67 -11.67
CA LEU B 110 -25.79 4.05 -11.73
C LEU B 110 -26.39 4.36 -13.10
N SER B 111 -27.63 4.87 -13.12
CA SER B 111 -28.34 5.24 -14.35
C SER B 111 -28.72 6.72 -14.35
N ILE B 112 -27.94 7.53 -15.10
CA ILE B 112 -28.16 8.96 -15.24
C ILE B 112 -28.93 9.19 -16.55
N LEU B 113 -30.18 9.63 -16.41
CA LEU B 113 -31.09 9.87 -17.54
C LEU B 113 -31.39 11.37 -17.72
N GLU B 114 -31.40 11.84 -18.97
CA GLU B 114 -31.73 13.24 -19.29
C GLU B 114 -33.21 13.48 -18.98
N ASP B 115 -34.06 12.48 -19.34
CA ASP B 115 -35.50 12.42 -19.12
C ASP B 115 -35.83 11.11 -18.37
N LEU B 116 -36.58 11.21 -17.25
CA LEU B 116 -36.95 10.08 -16.41
C LEU B 116 -38.23 9.37 -16.91
N LYS B 117 -38.81 9.83 -18.05
CA LYS B 117 -39.99 9.24 -18.67
C LYS B 117 -39.68 7.87 -19.27
N ASN B 118 -38.38 7.59 -19.48
CA ASN B 118 -37.86 6.34 -20.04
C ASN B 118 -37.91 5.17 -19.02
N VAL B 119 -38.11 5.46 -17.72
CA VAL B 119 -38.16 4.45 -16.64
C VAL B 119 -39.47 3.62 -16.74
N PHE B 120 -39.34 2.27 -16.78
CA PHE B 120 -40.44 1.31 -16.87
C PHE B 120 -40.13 -0.03 -16.14
N PRO B 121 -41.08 -0.61 -15.38
CA PRO B 121 -40.81 -1.89 -14.69
C PRO B 121 -40.93 -3.10 -15.65
N PRO B 122 -40.46 -4.33 -15.29
CA PRO B 122 -40.57 -5.45 -16.24
C PRO B 122 -41.87 -6.23 -16.17
N GLU B 123 -42.35 -6.68 -17.35
CA GLU B 123 -43.55 -7.50 -17.49
C GLU B 123 -43.13 -8.96 -17.41
N VAL B 124 -43.33 -9.58 -16.24
CA VAL B 124 -42.93 -10.95 -15.95
C VAL B 124 -44.06 -11.94 -16.25
N ALA B 125 -43.74 -12.96 -17.08
CA ALA B 125 -44.64 -14.04 -17.50
C ALA B 125 -43.84 -15.34 -17.61
N VAL B 126 -44.33 -16.41 -16.96
CA VAL B 126 -43.67 -17.72 -16.95
C VAL B 126 -44.34 -18.64 -17.97
N PHE B 127 -43.53 -19.22 -18.88
CA PHE B 127 -43.96 -20.15 -19.93
C PHE B 127 -43.88 -21.59 -19.40
N GLU B 128 -45.01 -22.34 -19.52
CA GLU B 128 -45.13 -23.73 -19.06
C GLU B 128 -44.25 -24.69 -19.88
N PRO B 129 -43.64 -25.74 -19.26
CA PRO B 129 -42.79 -26.67 -20.02
C PRO B 129 -43.56 -27.52 -21.04
N SER B 130 -42.94 -27.76 -22.21
CA SER B 130 -43.50 -28.54 -23.31
C SER B 130 -43.56 -30.03 -23.01
N GLU B 131 -44.59 -30.72 -23.55
CA GLU B 131 -44.80 -32.17 -23.40
C GLU B 131 -43.75 -32.97 -24.18
N ALA B 132 -43.19 -32.38 -25.26
CA ALA B 132 -42.17 -32.98 -26.13
C ALA B 132 -40.85 -33.19 -25.38
N GLU B 133 -40.43 -32.20 -24.56
CA GLU B 133 -39.20 -32.26 -23.78
C GLU B 133 -39.35 -33.19 -22.55
N ILE B 134 -40.59 -33.50 -22.16
CA ILE B 134 -40.91 -34.37 -21.02
C ILE B 134 -41.14 -35.84 -21.45
N SER B 135 -41.37 -36.07 -22.76
CA SER B 135 -41.62 -37.41 -23.31
C SER B 135 -40.39 -38.01 -24.04
N HIS B 136 -39.44 -37.16 -24.48
CA HIS B 136 -38.24 -37.58 -25.21
C HIS B 136 -36.98 -37.53 -24.33
N THR B 137 -36.91 -36.58 -23.39
CA THR B 137 -35.75 -36.39 -22.49
C THR B 137 -36.08 -36.71 -21.02
N GLN B 138 -37.39 -36.75 -20.66
CA GLN B 138 -37.94 -37.00 -19.31
C GLN B 138 -37.35 -35.98 -18.30
N LYS B 139 -37.26 -34.71 -18.73
CA LYS B 139 -36.76 -33.57 -17.97
C LYS B 139 -37.44 -32.31 -18.48
N ALA B 140 -38.20 -31.62 -17.60
CA ALA B 140 -38.95 -30.42 -17.96
C ALA B 140 -38.18 -29.14 -17.63
N THR B 141 -38.12 -28.22 -18.60
CA THR B 141 -37.44 -26.93 -18.46
C THR B 141 -38.44 -25.78 -18.62
N LEU B 142 -38.74 -25.06 -17.52
CA LEU B 142 -39.64 -23.91 -17.51
C LEU B 142 -38.82 -22.63 -17.65
N VAL B 143 -39.04 -21.89 -18.76
CA VAL B 143 -38.32 -20.66 -19.08
C VAL B 143 -39.19 -19.43 -18.82
N CYS B 144 -38.59 -18.40 -18.19
CA CYS B 144 -39.25 -17.13 -17.87
C CYS B 144 -38.72 -16.00 -18.73
N LEU B 145 -39.61 -15.07 -19.11
CA LEU B 145 -39.28 -13.91 -19.94
C LEU B 145 -39.86 -12.62 -19.34
N ALA B 146 -38.95 -11.69 -18.97
CA ALA B 146 -39.28 -10.37 -18.44
C ALA B 146 -38.92 -9.33 -19.50
N THR B 147 -39.94 -8.74 -20.13
CA THR B 147 -39.77 -7.78 -21.22
C THR B 147 -40.22 -6.36 -20.87
N GLY B 148 -39.62 -5.39 -21.56
CA GLY B 148 -39.93 -3.97 -21.45
C GLY B 148 -39.59 -3.31 -20.13
N PHE B 149 -38.31 -3.33 -19.75
CA PHE B 149 -37.85 -2.68 -18.53
C PHE B 149 -36.67 -1.74 -18.80
N TYR B 150 -36.70 -0.56 -18.19
CA TYR B 150 -35.64 0.43 -18.33
C TYR B 150 -35.50 1.21 -17.02
N PRO B 151 -34.27 1.36 -16.46
CA PRO B 151 -32.98 0.85 -16.97
C PRO B 151 -32.75 -0.62 -16.60
N ASP B 152 -31.61 -1.19 -17.04
CA ASP B 152 -31.23 -2.58 -16.74
C ASP B 152 -30.81 -2.69 -15.25
N HIS B 153 -31.79 -2.54 -14.34
CA HIS B 153 -31.62 -2.56 -12.89
C HIS B 153 -32.57 -3.58 -12.26
N VAL B 154 -32.46 -4.86 -12.68
CA VAL B 154 -33.32 -5.94 -12.20
C VAL B 154 -32.51 -7.09 -11.54
N GLU B 155 -33.21 -7.92 -10.74
CA GLU B 155 -32.66 -9.09 -10.04
C GLU B 155 -33.68 -10.23 -10.09
N LEU B 156 -33.42 -11.25 -10.95
CA LEU B 156 -34.29 -12.40 -11.16
C LEU B 156 -33.94 -13.56 -10.22
N SER B 157 -34.97 -14.17 -9.61
CA SER B 157 -34.82 -15.29 -8.67
C SER B 157 -35.88 -16.36 -8.90
N TRP B 158 -35.49 -17.63 -8.69
CA TRP B 158 -36.38 -18.79 -8.80
C TRP B 158 -36.67 -19.35 -7.42
N TRP B 159 -37.95 -19.47 -7.06
CA TRP B 159 -38.39 -19.97 -5.77
C TRP B 159 -39.28 -21.19 -5.93
N VAL B 160 -38.92 -22.30 -5.25
CA VAL B 160 -39.69 -23.55 -5.30
C VAL B 160 -40.15 -23.88 -3.87
N ASN B 161 -41.49 -23.97 -3.68
CA ASN B 161 -42.18 -24.27 -2.43
C ASN B 161 -41.76 -23.31 -1.27
N GLY B 162 -41.62 -22.02 -1.59
CA GLY B 162 -41.26 -20.98 -0.65
C GLY B 162 -39.77 -20.71 -0.51
N LYS B 163 -38.92 -21.71 -0.81
CA LYS B 163 -37.46 -21.59 -0.72
C LYS B 163 -36.81 -21.29 -2.08
N GLU B 164 -35.82 -20.36 -2.08
CA GLU B 164 -35.07 -19.95 -3.26
C GLU B 164 -34.15 -21.07 -3.72
N VAL B 165 -34.11 -21.34 -5.03
CA VAL B 165 -33.31 -22.42 -5.62
C VAL B 165 -32.19 -21.85 -6.52
N HIS B 166 -31.11 -22.62 -6.70
CA HIS B 166 -29.95 -22.25 -7.53
C HIS B 166 -29.61 -23.35 -8.54
N SER B 167 -29.90 -24.61 -8.21
CA SER B 167 -29.65 -25.77 -9.07
C SER B 167 -30.63 -25.78 -10.24
N GLY B 168 -30.12 -26.11 -11.42
CA GLY B 168 -30.89 -26.17 -12.66
C GLY B 168 -31.38 -24.81 -13.14
N VAL B 169 -30.75 -23.75 -12.63
CA VAL B 169 -31.08 -22.36 -12.95
C VAL B 169 -30.00 -21.78 -13.83
N CYS B 170 -30.42 -21.05 -14.88
CA CYS B 170 -29.52 -20.35 -15.79
C CYS B 170 -30.23 -19.12 -16.36
N THR B 171 -29.70 -17.93 -16.01
CA THR B 171 -30.20 -16.63 -16.45
C THR B 171 -29.20 -16.02 -17.43
N ASP B 172 -29.71 -15.35 -18.49
CA ASP B 172 -28.87 -14.68 -19.48
C ASP B 172 -28.09 -13.55 -18.77
N PRO B 173 -26.75 -13.49 -18.88
CA PRO B 173 -25.99 -12.46 -18.12
C PRO B 173 -26.17 -11.06 -18.69
N GLN B 174 -26.09 -10.92 -20.02
CA GLN B 174 -26.26 -9.65 -20.71
C GLN B 174 -27.66 -9.58 -21.35
N PRO B 175 -28.56 -8.69 -20.86
CA PRO B 175 -29.91 -8.60 -21.43
C PRO B 175 -29.92 -7.85 -22.77
N LEU B 176 -30.78 -8.29 -23.71
CA LEU B 176 -30.91 -7.72 -25.05
C LEU B 176 -31.96 -6.62 -25.13
N LYS B 177 -31.70 -5.59 -25.96
CA LYS B 177 -32.60 -4.46 -26.18
C LYS B 177 -33.56 -4.77 -27.34
N GLU B 178 -34.82 -4.31 -27.23
CA GLU B 178 -35.87 -4.51 -28.25
C GLU B 178 -35.56 -3.72 -29.53
N GLN B 179 -35.03 -2.50 -29.38
CA GLN B 179 -34.67 -1.62 -30.50
C GLN B 179 -33.16 -1.33 -30.49
N PRO B 180 -32.40 -1.72 -31.54
CA PRO B 180 -30.95 -1.46 -31.52
C PRO B 180 -30.58 -0.01 -31.87
N ALA B 181 -31.50 0.72 -32.52
CA ALA B 181 -31.32 2.12 -32.93
C ALA B 181 -31.45 3.09 -31.75
N LEU B 182 -32.53 2.94 -30.95
CA LEU B 182 -32.81 3.79 -29.79
C LEU B 182 -31.80 3.56 -28.66
N ASN B 183 -31.25 4.66 -28.10
CA ASN B 183 -30.29 4.62 -26.99
C ASN B 183 -31.00 4.29 -25.68
N ASP B 184 -32.21 4.86 -25.48
CA ASP B 184 -33.06 4.66 -24.30
C ASP B 184 -34.10 3.55 -24.61
N SER B 185 -33.63 2.41 -25.14
CA SER B 185 -34.45 1.27 -25.53
C SER B 185 -34.63 0.30 -24.36
N ARG B 186 -35.86 -0.27 -24.24
CA ARG B 186 -36.24 -1.22 -23.20
C ARG B 186 -35.47 -2.54 -23.34
N TYR B 187 -35.11 -3.15 -22.20
CA TYR B 187 -34.37 -4.41 -22.14
C TYR B 187 -35.29 -5.63 -21.93
N ALA B 188 -34.76 -6.84 -22.24
CA ALA B 188 -35.44 -8.13 -22.08
C ALA B 188 -34.44 -9.20 -21.62
N LEU B 189 -34.78 -9.92 -20.53
CA LEU B 189 -33.93 -10.97 -19.94
C LEU B 189 -34.68 -12.29 -19.81
N SER B 190 -34.01 -13.41 -20.18
CA SER B 190 -34.55 -14.77 -20.14
C SER B 190 -33.84 -15.63 -19.08
N SER B 191 -34.62 -16.46 -18.35
CA SER B 191 -34.11 -17.37 -17.32
C SER B 191 -34.76 -18.73 -17.44
N ARG B 192 -33.96 -19.80 -17.35
CA ARG B 192 -34.44 -21.19 -17.50
C ARG B 192 -34.24 -22.03 -16.23
N LEU B 193 -35.33 -22.72 -15.80
CA LEU B 193 -35.34 -23.64 -14.65
C LEU B 193 -35.63 -25.06 -15.14
N ARG B 194 -34.66 -25.98 -14.97
CA ARG B 194 -34.83 -27.38 -15.37
C ARG B 194 -34.93 -28.27 -14.14
N VAL B 195 -36.04 -29.03 -14.07
CA VAL B 195 -36.35 -29.98 -12.99
C VAL B 195 -36.84 -31.30 -13.60
N SER B 196 -36.46 -32.44 -12.97
CA SER B 196 -36.81 -33.80 -13.40
C SER B 196 -38.33 -33.99 -13.55
N ALA B 197 -38.73 -34.92 -14.45
CA ALA B 197 -40.11 -35.25 -14.80
C ALA B 197 -41.01 -35.52 -13.58
N THR B 198 -40.45 -36.15 -12.52
CA THR B 198 -41.15 -36.49 -11.28
C THR B 198 -41.56 -35.23 -10.48
N PHE B 199 -40.79 -34.14 -10.60
CA PHE B 199 -41.03 -32.86 -9.92
C PHE B 199 -42.13 -32.03 -10.61
N TRP B 200 -42.09 -31.94 -11.96
CA TRP B 200 -43.03 -31.16 -12.77
C TRP B 200 -44.45 -31.73 -12.74
N GLN B 201 -44.58 -33.06 -12.84
CA GLN B 201 -45.85 -33.80 -12.85
C GLN B 201 -46.57 -33.72 -11.50
N ASN B 202 -45.82 -33.60 -10.38
CA ASN B 202 -46.36 -33.51 -9.02
C ASN B 202 -47.15 -32.21 -8.82
N PRO B 203 -48.49 -32.29 -8.59
CA PRO B 203 -49.28 -31.05 -8.44
C PRO B 203 -49.16 -30.40 -7.06
N ARG B 204 -48.46 -31.06 -6.11
CA ARG B 204 -48.25 -30.57 -4.74
C ARG B 204 -47.14 -29.50 -4.70
N ASN B 205 -46.06 -29.69 -5.48
CA ASN B 205 -44.92 -28.76 -5.54
C ASN B 205 -45.32 -27.48 -6.30
N HIS B 206 -44.83 -26.32 -5.82
CA HIS B 206 -45.11 -25.00 -6.40
C HIS B 206 -43.84 -24.36 -6.95
N PHE B 207 -43.99 -23.66 -8.09
CA PHE B 207 -42.91 -22.94 -8.75
C PHE B 207 -43.26 -21.44 -8.81
N ARG B 208 -42.33 -20.59 -8.37
CA ARG B 208 -42.45 -19.13 -8.36
C ARG B 208 -41.21 -18.47 -8.94
N CYS B 209 -41.39 -17.34 -9.63
CA CYS B 209 -40.29 -16.59 -10.25
C CYS B 209 -40.46 -15.10 -9.98
N GLN B 210 -39.58 -14.53 -9.12
CA GLN B 210 -39.61 -13.12 -8.72
C GLN B 210 -38.50 -12.30 -9.40
N VAL B 211 -38.83 -11.06 -9.79
CA VAL B 211 -37.90 -10.10 -10.42
C VAL B 211 -37.94 -8.81 -9.60
N GLN B 212 -36.85 -8.51 -8.89
CA GLN B 212 -36.75 -7.31 -8.05
C GLN B 212 -36.28 -6.14 -8.93
N PHE B 213 -37.17 -5.18 -9.18
CA PHE B 213 -36.89 -4.00 -9.99
C PHE B 213 -36.51 -2.83 -9.10
N TYR B 214 -35.59 -1.98 -9.57
CA TYR B 214 -35.12 -0.80 -8.85
C TYR B 214 -35.44 0.46 -9.66
N GLY B 215 -36.52 1.13 -9.27
CA GLY B 215 -37.01 2.34 -9.92
C GLY B 215 -37.03 3.55 -9.00
N LEU B 216 -37.75 4.62 -9.42
CA LEU B 216 -37.87 5.87 -8.66
C LEU B 216 -38.58 5.64 -7.32
N SER B 217 -38.07 6.27 -6.25
CA SER B 217 -38.64 6.15 -4.91
C SER B 217 -39.95 6.94 -4.82
N GLU B 218 -40.82 6.57 -3.86
CA GLU B 218 -42.11 7.24 -3.62
C GLU B 218 -41.89 8.72 -3.21
N ASN B 219 -40.62 9.08 -2.89
CA ASN B 219 -40.16 10.42 -2.53
C ASN B 219 -39.99 11.31 -3.78
N ASP B 220 -39.86 10.70 -4.97
CA ASP B 220 -39.69 11.40 -6.26
C ASP B 220 -41.05 11.67 -6.91
N GLU B 221 -41.16 12.83 -7.59
CA GLU B 221 -42.38 13.25 -8.28
C GLU B 221 -42.63 12.43 -9.56
N TRP B 222 -43.91 12.32 -9.95
CA TRP B 222 -44.36 11.58 -11.13
C TRP B 222 -45.59 12.28 -11.76
N THR B 223 -45.31 13.22 -12.69
CA THR B 223 -46.34 14.03 -13.38
C THR B 223 -47.04 13.25 -14.50
N GLN B 224 -46.43 12.16 -15.01
CA GLN B 224 -46.99 11.33 -16.06
C GLN B 224 -48.30 10.66 -15.62
N ASP B 225 -49.26 10.54 -16.55
CA ASP B 225 -50.58 9.93 -16.30
C ASP B 225 -50.47 8.43 -16.03
N ARG B 226 -49.48 7.76 -16.68
CA ARG B 226 -49.21 6.32 -16.55
C ARG B 226 -48.76 5.97 -15.12
N ALA B 227 -48.80 4.67 -14.77
CA ALA B 227 -48.41 4.17 -13.44
C ALA B 227 -46.91 4.39 -13.17
N LYS B 228 -46.58 4.82 -11.94
CA LYS B 228 -45.22 5.12 -11.50
C LYS B 228 -44.35 3.86 -11.36
N PRO B 229 -43.09 3.90 -11.84
CA PRO B 229 -42.19 2.72 -11.73
C PRO B 229 -41.35 2.77 -10.46
N VAL B 230 -41.87 2.18 -9.37
CA VAL B 230 -41.23 2.15 -8.06
C VAL B 230 -40.37 0.89 -7.88
N THR B 231 -39.67 0.78 -6.72
CA THR B 231 -38.86 -0.39 -6.37
C THR B 231 -39.88 -1.48 -6.02
N GLN B 232 -40.18 -2.35 -7.01
CA GLN B 232 -41.19 -3.39 -6.89
C GLN B 232 -40.68 -4.78 -7.30
N ILE B 233 -41.29 -5.82 -6.72
CA ILE B 233 -40.98 -7.22 -7.01
C ILE B 233 -42.13 -7.79 -7.86
N VAL B 234 -41.93 -7.79 -9.20
CA VAL B 234 -42.90 -8.28 -10.18
C VAL B 234 -42.66 -9.79 -10.34
N SER B 235 -43.62 -10.62 -9.90
CA SER B 235 -43.50 -12.07 -9.96
C SER B 235 -44.68 -12.74 -10.67
N ALA B 236 -44.38 -13.81 -11.43
CA ALA B 236 -45.36 -14.62 -12.18
C ALA B 236 -45.34 -16.06 -11.68
N GLU B 237 -46.55 -16.60 -11.37
CA GLU B 237 -46.76 -17.95 -10.83
C GLU B 237 -47.07 -18.99 -11.91
N ALA B 238 -46.65 -20.25 -11.65
CA ALA B 238 -46.86 -21.41 -12.51
C ALA B 238 -46.98 -22.68 -11.66
N TRP B 239 -48.10 -23.41 -11.82
CA TRP B 239 -48.41 -24.64 -11.09
C TRP B 239 -48.18 -25.88 -11.93
N GLY B 240 -47.49 -26.87 -11.34
CA GLY B 240 -47.17 -28.14 -11.97
C GLY B 240 -48.39 -29.02 -12.17
N ARG B 241 -48.53 -29.60 -13.37
CA ARG B 241 -49.66 -30.47 -13.73
C ARG B 241 -49.18 -31.84 -14.19
N ALA B 242 -50.00 -32.87 -13.91
CA ALA B 242 -49.71 -34.26 -14.30
C ALA B 242 -50.07 -34.52 -15.77
N ASP B 243 -51.00 -33.71 -16.34
CA ASP B 243 -51.45 -33.83 -17.73
C ASP B 243 -51.66 -32.44 -18.35
N PHE C 9 29.06 10.76 0.28
CA PHE C 9 27.88 11.17 1.05
C PHE C 9 26.91 10.00 1.32
N PRO C 10 27.19 9.14 2.30
CA PRO C 10 26.30 7.99 2.56
C PRO C 10 25.11 8.36 3.43
N LEU C 11 23.98 7.64 3.25
CA LEU C 11 22.77 7.82 4.04
C LEU C 11 22.76 6.80 5.18
N ARG C 12 22.71 7.26 6.42
CA ARG C 12 22.67 6.33 7.54
C ARG C 12 21.39 6.55 8.32
N CYS C 13 20.49 5.55 8.29
CA CYS C 13 19.23 5.55 9.02
C CYS C 13 19.46 4.81 10.34
N LEU C 14 19.43 5.56 11.42
CA LEU C 14 19.68 5.08 12.77
C LEU C 14 18.36 4.86 13.52
N GLN C 15 18.27 3.78 14.31
CA GLN C 15 17.10 3.45 15.11
C GLN C 15 17.52 3.15 16.55
N ILE C 16 16.85 3.72 17.55
CA ILE C 16 17.18 3.41 18.95
C ILE C 16 15.91 2.96 19.64
N SER C 17 15.83 1.65 19.93
CA SER C 17 14.68 0.99 20.55
C SER C 17 14.95 0.63 22.01
N SER C 18 14.31 1.35 22.93
CA SER C 18 14.46 1.09 24.35
C SER C 18 13.25 0.33 24.89
N PHE C 19 13.51 -0.73 25.67
CA PHE C 19 12.47 -1.57 26.27
C PHE C 19 12.78 -1.70 27.74
N ALA C 20 12.26 -0.79 28.59
CA ALA C 20 12.52 -0.81 30.03
C ALA C 20 12.04 -2.11 30.71
N ASN C 21 10.88 -2.63 30.27
CA ASN C 21 10.20 -3.82 30.78
C ASN C 21 9.18 -4.36 29.74
N SER C 22 8.21 -5.19 30.18
CA SER C 22 7.17 -5.73 29.30
C SER C 22 6.17 -4.65 28.81
N SER C 23 6.00 -3.54 29.58
CA SER C 23 5.08 -2.45 29.28
C SER C 23 5.76 -1.35 28.48
N TRP C 24 6.61 -0.58 29.18
CA TRP C 24 7.34 0.58 28.69
C TRP C 24 8.25 0.28 27.51
N THR C 25 8.13 1.12 26.45
CA THR C 25 8.90 1.12 25.19
C THR C 25 9.02 2.54 24.64
N ARG C 26 10.10 2.79 23.86
CA ARG C 26 10.37 4.05 23.16
C ARG C 26 11.40 3.81 22.02
N THR C 27 10.92 3.71 20.76
CA THR C 27 11.81 3.56 19.60
C THR C 27 11.82 4.88 18.84
N ASP C 28 13.02 5.49 18.74
CA ASP C 28 13.23 6.76 18.05
C ASP C 28 14.24 6.57 16.96
N GLY C 29 13.97 7.21 15.84
CA GLY C 29 14.84 7.18 14.68
C GLY C 29 15.36 8.54 14.27
N LEU C 30 16.37 8.54 13.38
CA LEU C 30 17.01 9.71 12.80
C LEU C 30 17.86 9.27 11.60
N ALA C 31 18.04 10.18 10.62
CA ALA C 31 18.76 9.90 9.39
C ALA C 31 19.80 10.95 9.11
N TRP C 32 20.95 10.55 8.54
CA TRP C 32 22.05 11.44 8.21
C TRP C 32 22.53 11.27 6.76
N LEU C 33 22.67 12.38 6.02
CA LEU C 33 23.24 12.35 4.69
C LEU C 33 24.58 13.04 4.83
N GLY C 34 25.64 12.24 4.85
CA GLY C 34 26.98 12.72 5.13
C GLY C 34 27.06 12.99 6.62
N GLU C 35 27.40 14.23 6.99
CA GLU C 35 27.51 14.68 8.39
C GLU C 35 26.25 15.41 8.86
N LEU C 36 25.37 15.80 7.91
CA LEU C 36 24.14 16.54 8.18
C LEU C 36 22.97 15.61 8.48
N GLN C 37 22.21 15.90 9.58
CA GLN C 37 21.01 15.17 9.99
C GLN C 37 19.85 15.67 9.14
N THR C 38 19.26 14.80 8.31
CA THR C 38 18.20 15.19 7.37
C THR C 38 16.79 14.89 7.90
N HIS C 39 16.66 13.87 8.74
CA HIS C 39 15.35 13.49 9.26
C HIS C 39 15.42 13.19 10.76
N SER C 40 14.28 13.36 11.42
CA SER C 40 14.06 13.07 12.83
C SER C 40 12.77 12.28 12.91
N TRP C 41 12.73 11.32 13.84
CA TRP C 41 11.59 10.43 14.04
C TRP C 41 11.40 10.13 15.51
N SER C 42 10.49 10.87 16.16
CA SER C 42 10.16 10.72 17.57
C SER C 42 9.07 9.69 17.75
N ASN C 43 9.10 8.92 18.87
CA ASN C 43 8.11 7.90 19.23
C ASN C 43 6.67 8.47 19.27
N ASP C 44 6.54 9.77 19.60
CA ASP C 44 5.25 10.47 19.68
C ASP C 44 4.66 10.75 18.29
N SER C 45 5.50 11.20 17.32
CA SER C 45 5.06 11.52 15.95
C SER C 45 4.63 10.29 15.18
N ASP C 46 3.63 10.44 14.32
CA ASP C 46 3.12 9.40 13.41
C ASP C 46 3.71 9.67 12.02
N THR C 47 4.50 10.76 11.92
CA THR C 47 5.15 11.22 10.71
C THR C 47 6.67 11.36 10.93
N VAL C 48 7.45 11.26 9.85
CA VAL C 48 8.91 11.35 9.87
C VAL C 48 9.26 12.80 9.56
N ARG C 49 9.74 13.53 10.58
CA ARG C 49 10.05 14.96 10.50
C ARG C 49 11.26 15.23 9.61
N SER C 50 11.09 16.13 8.63
CA SER C 50 12.13 16.55 7.69
C SER C 50 12.81 17.80 8.23
N LEU C 51 14.13 17.72 8.45
CA LEU C 51 14.94 18.78 9.05
C LEU C 51 15.52 19.77 8.03
N LYS C 52 15.71 19.33 6.78
CA LYS C 52 16.28 20.21 5.75
C LYS C 52 15.24 20.50 4.67
N PRO C 53 15.25 21.69 4.02
CA PRO C 53 14.21 22.00 3.02
C PRO C 53 14.15 21.03 1.82
N TRP C 54 15.14 20.13 1.71
CA TRP C 54 15.35 19.14 0.65
C TRP C 54 15.35 17.69 1.17
N SER C 55 14.84 17.46 2.39
CA SER C 55 14.81 16.12 3.00
C SER C 55 13.87 15.13 2.26
N GLN C 56 12.89 15.62 1.49
CA GLN C 56 11.99 14.74 0.73
C GLN C 56 12.63 14.39 -0.62
N GLY C 57 13.68 15.13 -0.98
CA GLY C 57 14.41 14.93 -2.22
C GLY C 57 13.57 15.14 -3.46
N THR C 58 13.61 14.16 -4.40
CA THR C 58 12.89 14.16 -5.67
C THR C 58 11.59 13.33 -5.55
N PHE C 59 11.34 12.72 -4.38
CA PHE C 59 10.12 11.93 -4.12
C PHE C 59 8.89 12.81 -4.01
N SER C 60 7.83 12.47 -4.77
CA SER C 60 6.56 13.18 -4.76
C SER C 60 5.88 13.01 -3.39
N ASP C 61 4.87 13.84 -3.08
CA ASP C 61 4.13 13.72 -1.81
C ASP C 61 3.55 12.32 -1.65
N GLN C 62 3.07 11.70 -2.76
CA GLN C 62 2.48 10.35 -2.77
C GLN C 62 3.51 9.29 -2.42
N GLN C 63 4.70 9.35 -3.06
CA GLN C 63 5.82 8.43 -2.82
C GLN C 63 6.25 8.53 -1.38
N TRP C 64 6.34 9.77 -0.88
CA TRP C 64 6.74 10.07 0.49
C TRP C 64 5.72 9.54 1.51
N GLU C 65 4.42 9.56 1.19
CA GLU C 65 3.38 9.04 2.09
C GLU C 65 3.50 7.49 2.19
N THR C 66 3.79 6.82 1.05
CA THR C 66 3.94 5.38 0.96
C THR C 66 5.10 4.93 1.85
N LEU C 67 6.28 5.61 1.74
CA LEU C 67 7.45 5.25 2.55
C LEU C 67 7.17 5.48 4.01
N GLN C 68 6.49 6.61 4.33
CA GLN C 68 6.09 6.98 5.68
C GLN C 68 5.25 5.86 6.32
N HIS C 69 4.35 5.22 5.53
CA HIS C 69 3.50 4.10 5.94
C HIS C 69 4.33 2.87 6.26
N ILE C 70 5.35 2.59 5.44
CA ILE C 70 6.25 1.45 5.61
C ILE C 70 6.93 1.55 7.00
N PHE C 71 7.57 2.70 7.33
CA PHE C 71 8.21 2.95 8.61
C PHE C 71 7.22 2.89 9.77
N ARG C 72 5.98 3.39 9.59
CA ARG C 72 4.94 3.38 10.62
C ARG C 72 4.62 1.94 11.04
N VAL C 73 4.41 1.08 10.04
CA VAL C 73 4.12 -0.36 10.19
C VAL C 73 5.38 -1.03 10.73
N TYR C 74 6.57 -0.67 10.19
CA TYR C 74 7.84 -1.25 10.63
C TYR C 74 8.00 -1.03 12.12
N ARG C 75 7.86 0.21 12.59
CA ARG C 75 7.97 0.58 13.99
C ARG C 75 7.06 -0.32 14.88
N SER C 76 5.75 -0.34 14.61
CA SER C 76 4.78 -1.16 15.36
C SER C 76 5.15 -2.66 15.41
N SER C 77 5.48 -3.24 14.24
CA SER C 77 5.83 -4.63 14.01
C SER C 77 7.09 -5.02 14.74
N PHE C 78 8.19 -4.25 14.54
CA PHE C 78 9.48 -4.45 15.19
C PHE C 78 9.28 -4.52 16.71
N THR C 79 8.52 -3.58 17.31
CA THR C 79 8.27 -3.57 18.77
C THR C 79 7.56 -4.87 19.22
N ARG C 80 6.43 -5.28 18.58
CA ARG C 80 5.73 -6.51 18.97
C ARG C 80 6.61 -7.77 18.72
N ASP C 81 7.55 -7.71 17.75
CA ASP C 81 8.49 -8.78 17.43
C ASP C 81 9.52 -8.96 18.55
N VAL C 82 10.16 -7.84 19.03
CA VAL C 82 11.15 -7.83 20.12
C VAL C 82 10.48 -8.35 21.40
N LYS C 83 9.22 -7.94 21.62
CA LYS C 83 8.44 -8.38 22.77
C LYS C 83 8.15 -9.90 22.69
N GLU C 84 7.75 -10.40 21.49
CA GLU C 84 7.46 -11.81 21.25
C GLU C 84 8.73 -12.65 21.36
N PHE C 85 9.88 -12.07 20.98
CA PHE C 85 11.18 -12.73 21.04
C PHE C 85 11.66 -12.76 22.45
N ALA C 86 11.33 -11.75 23.26
CA ALA C 86 11.72 -11.72 24.68
C ALA C 86 11.08 -12.87 25.45
N LYS C 87 9.78 -13.16 25.18
CA LYS C 87 9.00 -14.22 25.80
C LYS C 87 9.46 -15.61 25.34
N MET C 88 9.60 -15.78 24.00
CA MET C 88 10.00 -17.01 23.30
C MET C 88 11.42 -17.43 23.64
N LEU C 89 12.40 -16.49 23.56
CA LEU C 89 13.81 -16.78 23.80
C LEU C 89 14.20 -16.68 25.30
N ARG C 90 13.26 -16.22 26.16
CA ARG C 90 13.43 -16.04 27.62
C ARG C 90 14.60 -15.07 27.92
N LEU C 91 14.46 -13.81 27.43
CA LEU C 91 15.40 -12.69 27.62
C LEU C 91 14.86 -11.67 28.62
N SER C 92 15.71 -11.24 29.56
CA SER C 92 15.32 -10.32 30.63
C SER C 92 15.55 -8.86 30.23
N TYR C 93 14.61 -8.01 30.66
CA TYR C 93 14.64 -6.57 30.41
C TYR C 93 15.63 -5.88 31.36
N PRO C 94 16.14 -4.64 31.07
CA PRO C 94 15.83 -3.78 29.92
C PRO C 94 16.57 -4.19 28.67
N LEU C 95 16.00 -3.88 27.50
CA LEU C 95 16.61 -4.23 26.23
C LEU C 95 16.88 -2.98 25.41
N GLU C 96 18.08 -2.91 24.82
CA GLU C 96 18.55 -1.82 23.99
C GLU C 96 18.85 -2.36 22.60
N LEU C 97 18.03 -1.95 21.59
CA LEU C 97 18.17 -2.39 20.21
C LEU C 97 18.40 -1.20 19.30
N GLN C 98 19.41 -1.29 18.45
CA GLN C 98 19.75 -0.24 17.50
C GLN C 98 19.88 -0.84 16.13
N VAL C 99 19.31 -0.16 15.14
CA VAL C 99 19.33 -0.62 13.77
C VAL C 99 19.99 0.45 12.93
N SER C 100 21.08 0.11 12.23
CA SER C 100 21.81 1.03 11.38
C SER C 100 21.75 0.56 9.93
N ALA C 101 20.80 1.09 9.16
CA ALA C 101 20.65 0.71 7.77
C ALA C 101 20.87 1.90 6.85
N GLY C 102 21.17 1.63 5.58
CA GLY C 102 21.41 2.68 4.61
C GLY C 102 22.19 2.26 3.39
N CYS C 103 22.70 3.25 2.65
CA CYS C 103 23.49 3.05 1.43
C CYS C 103 24.25 4.31 1.07
N GLU C 104 25.18 4.15 0.12
CA GLU C 104 26.00 5.21 -0.46
C GLU C 104 26.02 5.02 -1.97
N VAL C 105 25.74 6.10 -2.71
CA VAL C 105 25.74 6.08 -4.18
C VAL C 105 27.11 6.54 -4.63
N HIS C 106 27.77 5.65 -5.37
CA HIS C 106 29.12 5.86 -5.90
C HIS C 106 29.08 6.59 -7.26
N PRO C 107 30.08 7.45 -7.57
CA PRO C 107 30.11 8.06 -8.91
C PRO C 107 30.68 7.05 -9.94
N GLY C 108 29.95 6.75 -11.01
CA GLY C 108 28.62 7.31 -11.34
C GLY C 108 27.65 6.27 -11.87
N ASN C 109 27.63 5.08 -11.23
CA ASN C 109 26.74 3.97 -11.59
C ASN C 109 26.43 3.10 -10.36
N ALA C 110 27.47 2.55 -9.72
CA ALA C 110 27.40 1.66 -8.56
C ALA C 110 26.87 2.34 -7.29
N SER C 111 26.47 1.51 -6.31
CA SER C 111 25.96 1.89 -4.98
C SER C 111 25.89 0.67 -4.07
N ASN C 112 26.53 0.72 -2.89
CA ASN C 112 26.47 -0.39 -1.93
C ASN C 112 25.49 -0.05 -0.79
N ASN C 113 24.83 -1.04 -0.19
CA ASN C 113 23.89 -0.83 0.92
C ASN C 113 24.23 -1.72 2.13
N PHE C 114 23.61 -1.42 3.29
CA PHE C 114 23.83 -2.15 4.56
C PHE C 114 22.58 -2.11 5.43
N PHE C 115 22.46 -3.05 6.39
CA PHE C 115 21.35 -3.17 7.35
C PHE C 115 21.85 -3.94 8.59
N HIS C 116 22.48 -3.25 9.53
CA HIS C 116 22.99 -3.93 10.70
C HIS C 116 22.15 -3.62 11.89
N VAL C 117 21.89 -4.65 12.73
CA VAL C 117 21.13 -4.51 13.96
C VAL C 117 22.03 -5.03 15.09
N ALA C 118 22.04 -4.29 16.22
CA ALA C 118 22.82 -4.65 17.41
C ALA C 118 21.91 -4.83 18.61
N PHE C 119 22.40 -5.58 19.61
CA PHE C 119 21.68 -5.92 20.83
C PHE C 119 22.58 -5.78 22.07
N GLN C 120 22.18 -4.88 22.98
CA GLN C 120 22.84 -4.55 24.25
C GLN C 120 24.31 -4.06 24.01
N GLY C 121 24.48 -3.25 22.97
CA GLY C 121 25.76 -2.66 22.59
C GLY C 121 26.51 -3.32 21.46
N LYS C 122 26.52 -4.67 21.43
CA LYS C 122 27.25 -5.47 20.44
C LYS C 122 26.36 -5.88 19.27
N ASP C 123 26.94 -6.12 18.07
CA ASP C 123 26.19 -6.56 16.88
C ASP C 123 25.60 -7.96 17.10
N ILE C 124 24.48 -8.29 16.42
CA ILE C 124 23.88 -9.62 16.56
C ILE C 124 23.54 -10.20 15.19
N LEU C 125 22.91 -9.40 14.30
CA LEU C 125 22.58 -9.86 12.97
C LEU C 125 22.46 -8.70 11.97
N SER C 126 22.55 -9.03 10.67
CA SER C 126 22.48 -8.12 9.55
C SER C 126 21.85 -8.80 8.34
N PHE C 127 21.21 -8.02 7.48
CA PHE C 127 20.60 -8.53 6.26
C PHE C 127 21.69 -8.69 5.20
N GLN C 128 21.84 -9.91 4.68
CA GLN C 128 22.85 -10.27 3.69
C GLN C 128 22.19 -10.94 2.49
N GLY C 129 22.26 -10.27 1.33
CA GLY C 129 21.67 -10.75 0.08
C GLY C 129 20.16 -10.79 0.12
N THR C 130 19.59 -11.95 0.51
CA THR C 130 18.14 -12.18 0.60
C THR C 130 17.67 -12.55 2.01
N SER C 131 18.57 -12.68 2.97
CA SER C 131 18.16 -13.12 4.29
C SER C 131 18.99 -12.53 5.43
N TRP C 132 18.48 -12.68 6.65
CA TRP C 132 19.13 -12.23 7.87
C TRP C 132 20.25 -13.19 8.22
N GLU C 133 21.51 -12.71 8.27
CA GLU C 133 22.66 -13.54 8.62
C GLU C 133 23.22 -13.09 9.98
N PRO C 134 23.56 -14.01 10.90
CA PRO C 134 24.10 -13.58 12.22
C PRO C 134 25.60 -13.30 12.20
N THR C 135 26.08 -12.55 13.20
CA THR C 135 27.52 -12.29 13.37
C THR C 135 28.15 -13.57 13.98
N GLN C 136 29.46 -13.79 13.78
CA GLN C 136 30.14 -15.00 14.28
C GLN C 136 30.07 -15.17 15.79
N GLU C 137 30.24 -14.06 16.55
CA GLU C 137 30.25 -14.07 18.01
C GLU C 137 28.84 -13.83 18.63
N ALA C 138 27.78 -13.91 17.81
CA ALA C 138 26.40 -13.73 18.27
C ALA C 138 25.96 -14.90 19.20
N PRO C 139 25.12 -14.62 20.22
CA PRO C 139 24.67 -15.71 21.12
C PRO C 139 23.81 -16.73 20.38
N LEU C 140 23.88 -18.00 20.81
CA LEU C 140 23.19 -19.12 20.19
C LEU C 140 21.68 -18.92 20.00
N TRP C 141 21.06 -17.99 20.74
CA TRP C 141 19.64 -17.75 20.60
C TRP C 141 19.35 -16.89 19.37
N VAL C 142 20.36 -16.12 18.87
CA VAL C 142 20.21 -15.28 17.68
C VAL C 142 19.90 -16.20 16.48
N ASN C 143 20.59 -17.37 16.42
CA ASN C 143 20.39 -18.41 15.41
C ASN C 143 18.93 -18.88 15.38
N LEU C 144 18.34 -19.02 16.58
CA LEU C 144 16.96 -19.42 16.78
C LEU C 144 15.98 -18.33 16.28
N ALA C 145 16.32 -17.04 16.48
CA ALA C 145 15.48 -15.92 16.03
C ALA C 145 15.57 -15.71 14.51
N ILE C 146 16.76 -16.01 13.89
CA ILE C 146 16.99 -15.94 12.43
C ILE C 146 16.08 -16.95 11.75
N GLN C 147 15.89 -18.13 12.36
CA GLN C 147 15.01 -19.19 11.89
C GLN C 147 13.58 -18.64 11.68
N VAL C 148 13.07 -17.86 12.66
CA VAL C 148 11.74 -17.24 12.63
C VAL C 148 11.71 -16.10 11.60
N LEU C 149 12.68 -15.16 11.69
CA LEU C 149 12.83 -13.99 10.82
C LEU C 149 12.92 -14.36 9.35
N ASN C 150 13.73 -15.37 8.99
CA ASN C 150 13.92 -15.77 7.60
C ASN C 150 12.70 -16.46 6.99
N GLN C 151 11.83 -17.04 7.84
CA GLN C 151 10.61 -17.72 7.39
C GLN C 151 9.70 -16.74 6.71
N ASP C 152 9.63 -15.53 7.26
CA ASP C 152 8.81 -14.50 6.66
C ASP C 152 9.57 -14.01 5.45
N LYS C 153 9.06 -14.39 4.27
CA LYS C 153 9.65 -14.01 2.99
C LYS C 153 9.20 -12.62 2.57
N TRP C 154 7.95 -12.22 2.88
CA TRP C 154 7.40 -10.91 2.51
C TRP C 154 8.31 -9.75 2.96
N THR C 155 8.77 -9.78 4.23
CA THR C 155 9.68 -8.76 4.79
C THR C 155 11.05 -8.90 4.12
N ARG C 156 11.54 -10.15 3.94
CA ARG C 156 12.83 -10.41 3.27
C ARG C 156 12.86 -9.81 1.86
N GLU C 157 11.68 -9.73 1.21
CA GLU C 157 11.50 -9.21 -0.13
C GLU C 157 11.37 -7.66 -0.12
N THR C 158 10.61 -7.13 0.86
CA THR C 158 10.35 -5.69 1.07
C THR C 158 11.66 -4.98 1.43
N VAL C 159 12.50 -5.56 2.34
CA VAL C 159 13.80 -4.99 2.75
C VAL C 159 14.74 -5.00 1.52
N GLN C 160 14.71 -6.11 0.74
CA GLN C 160 15.55 -6.30 -0.45
C GLN C 160 15.35 -5.20 -1.50
N TRP C 161 14.11 -4.83 -1.88
CA TRP C 161 13.97 -3.79 -2.91
C TRP C 161 14.15 -2.41 -2.34
N LEU C 162 13.88 -2.22 -1.05
CA LEU C 162 14.06 -0.91 -0.43
C LEU C 162 15.54 -0.50 -0.38
N LEU C 163 16.45 -1.47 -0.19
CA LEU C 163 17.89 -1.24 -0.10
C LEU C 163 18.58 -1.20 -1.48
N ASN C 164 18.18 -2.07 -2.43
CA ASN C 164 18.76 -2.16 -3.78
C ASN C 164 18.18 -1.11 -4.73
N GLY C 165 16.92 -0.72 -4.54
CA GLY C 165 16.26 0.22 -5.42
C GLY C 165 15.92 1.61 -4.88
N THR C 166 15.16 1.65 -3.77
CA THR C 166 14.69 2.89 -3.16
C THR C 166 15.76 3.69 -2.46
N CYS C 167 16.67 3.07 -1.67
CA CYS C 167 17.72 3.83 -0.98
C CYS C 167 18.59 4.59 -1.98
N PRO C 168 19.18 3.97 -3.04
CA PRO C 168 20.00 4.74 -3.98
C PRO C 168 19.22 5.82 -4.72
N GLN C 169 17.97 5.51 -5.11
CA GLN C 169 17.05 6.43 -5.78
C GLN C 169 16.84 7.67 -4.92
N PHE C 170 16.65 7.47 -3.62
CA PHE C 170 16.46 8.52 -2.63
C PHE C 170 17.74 9.33 -2.46
N VAL C 171 18.91 8.68 -2.25
CA VAL C 171 20.22 9.32 -2.08
C VAL C 171 20.51 10.29 -3.27
N SER C 172 20.37 9.79 -4.53
CA SER C 172 20.54 10.54 -5.77
C SER C 172 19.68 11.81 -5.75
N GLY C 173 18.45 11.68 -5.28
CA GLY C 173 17.51 12.78 -5.14
C GLY C 173 17.96 13.83 -4.15
N LEU C 174 18.28 13.41 -2.89
CA LEU C 174 18.78 14.26 -1.80
C LEU C 174 20.03 15.04 -2.22
N LEU C 175 20.97 14.36 -2.91
CA LEU C 175 22.22 14.93 -3.40
C LEU C 175 21.98 16.03 -4.42
N GLU C 176 20.93 15.89 -5.27
CA GLU C 176 20.56 16.86 -6.29
C GLU C 176 19.89 18.08 -5.67
N SER C 177 18.93 17.87 -4.75
CA SER C 177 18.19 18.94 -4.09
C SER C 177 18.99 19.65 -2.97
N GLY C 178 19.91 18.96 -2.32
CA GLY C 178 20.71 19.54 -1.24
C GLY C 178 22.16 19.88 -1.56
N LYS C 179 22.56 19.73 -2.85
CA LYS C 179 23.91 19.94 -3.41
C LYS C 179 24.65 21.10 -2.76
N SER C 180 24.08 22.31 -2.83
CA SER C 180 24.60 23.56 -2.29
C SER C 180 24.90 23.48 -0.79
N GLU C 181 23.94 22.94 0.01
CA GLU C 181 24.05 22.81 1.47
C GLU C 181 25.12 21.80 1.84
N LEU C 182 25.33 20.77 0.99
CA LEU C 182 26.32 19.71 1.18
C LEU C 182 27.71 20.19 0.75
N LYS C 183 27.76 21.21 -0.14
CA LYS C 183 29.00 21.80 -0.66
C LYS C 183 29.36 23.15 0.01
N LYS C 184 28.60 23.57 1.06
CA LYS C 184 28.83 24.83 1.78
C LYS C 184 30.17 24.81 2.53
N GLN C 185 30.76 26.01 2.68
CA GLN C 185 32.04 26.23 3.36
C GLN C 185 31.92 27.36 4.39
N VAL C 186 32.22 27.08 5.66
CA VAL C 186 32.18 28.09 6.74
C VAL C 186 33.59 28.22 7.32
N LYS C 187 34.17 29.43 7.20
CA LYS C 187 35.54 29.73 7.65
C LYS C 187 35.71 29.59 9.17
N PRO C 188 36.76 28.88 9.65
CA PRO C 188 36.96 28.76 11.10
C PRO C 188 37.75 29.92 11.70
N LYS C 189 37.44 30.25 12.97
CA LYS C 189 38.19 31.25 13.74
C LYS C 189 39.08 30.47 14.71
N ALA C 190 40.39 30.76 14.70
CA ALA C 190 41.34 30.04 15.54
C ALA C 190 42.04 30.96 16.53
N TRP C 191 42.37 30.44 17.73
CA TRP C 191 43.09 31.18 18.77
C TRP C 191 43.92 30.23 19.65
N LEU C 192 44.99 30.75 20.28
CA LEU C 192 45.88 29.96 21.14
C LEU C 192 45.61 30.17 22.64
N SER C 193 46.16 29.27 23.50
CA SER C 193 46.02 29.31 24.96
C SER C 193 47.09 28.46 25.67
N ARG C 194 47.29 28.72 26.98
CA ARG C 194 48.22 27.99 27.83
C ARG C 194 47.47 26.90 28.64
N GLY C 195 47.74 25.64 28.29
CA GLY C 195 47.12 24.50 28.95
C GLY C 195 47.71 24.20 30.32
N PRO C 196 47.04 23.35 31.15
CA PRO C 196 47.60 23.03 32.48
C PRO C 196 48.97 22.36 32.38
N SER C 197 50.01 23.06 32.88
CA SER C 197 51.41 22.63 32.84
C SER C 197 51.65 21.34 33.63
N PRO C 198 51.97 20.21 32.94
CA PRO C 198 52.20 18.94 33.67
C PRO C 198 53.63 18.80 34.22
N GLY C 199 54.46 19.83 34.01
CA GLY C 199 55.84 19.87 34.48
C GLY C 199 56.24 21.22 35.06
N PRO C 200 57.27 21.28 35.94
CA PRO C 200 57.68 22.58 36.53
C PRO C 200 58.27 23.55 35.51
N GLY C 201 59.04 23.01 34.54
CA GLY C 201 59.65 23.80 33.48
C GLY C 201 59.10 23.45 32.11
N ARG C 202 57.89 22.85 32.07
CA ARG C 202 57.18 22.43 30.87
C ARG C 202 55.83 23.13 30.75
N LEU C 203 55.46 23.52 29.52
CA LEU C 203 54.17 24.16 29.22
C LEU C 203 53.49 23.42 28.08
N LEU C 204 52.19 23.10 28.24
CA LEU C 204 51.39 22.44 27.19
C LEU C 204 50.73 23.54 26.34
N LEU C 205 51.21 23.68 25.09
CA LEU C 205 50.72 24.67 24.14
C LEU C 205 49.42 24.15 23.53
N VAL C 206 48.42 25.03 23.40
CA VAL C 206 47.09 24.65 22.91
C VAL C 206 46.64 25.58 21.76
N CYS C 207 46.07 24.96 20.70
CA CYS C 207 45.53 25.62 19.52
C CYS C 207 44.06 25.28 19.40
N HIS C 208 43.20 26.30 19.51
CA HIS C 208 41.74 26.16 19.40
C HIS C 208 41.28 26.56 18.02
N VAL C 209 40.45 25.73 17.38
CA VAL C 209 39.90 26.00 16.04
C VAL C 209 38.41 25.66 16.08
N SER C 210 37.53 26.63 15.82
CA SER C 210 36.09 26.40 15.86
C SER C 210 35.34 27.16 14.78
N GLY C 211 34.17 26.60 14.43
CA GLY C 211 33.26 27.16 13.44
C GLY C 211 33.60 26.79 12.01
N PHE C 212 33.96 25.52 11.79
CA PHE C 212 34.31 25.08 10.45
C PHE C 212 33.33 24.05 9.90
N TYR C 213 32.88 24.31 8.67
CA TYR C 213 32.04 23.40 7.91
C TYR C 213 32.68 23.26 6.51
N PRO C 214 32.95 22.03 6.01
CA PRO C 214 32.61 20.71 6.56
C PRO C 214 33.57 20.25 7.68
N LYS C 215 33.34 19.02 8.16
CA LYS C 215 34.11 18.39 9.23
C LYS C 215 35.63 18.18 8.91
N PRO C 216 36.08 17.75 7.69
CA PRO C 216 37.52 17.48 7.51
C PRO C 216 38.42 18.69 7.68
N VAL C 217 39.38 18.60 8.62
CA VAL C 217 40.33 19.66 8.95
C VAL C 217 41.69 19.05 9.32
N TRP C 218 42.78 19.81 9.11
CA TRP C 218 44.17 19.45 9.39
C TRP C 218 44.77 20.52 10.28
N VAL C 219 44.95 20.22 11.58
CA VAL C 219 45.52 21.15 12.55
C VAL C 219 46.75 20.51 13.20
N LYS C 220 47.96 21.00 12.86
CA LYS C 220 49.20 20.44 13.41
C LYS C 220 50.21 21.52 13.74
N TRP C 221 50.89 21.39 14.91
CA TRP C 221 51.92 22.32 15.39
C TRP C 221 53.15 22.24 14.50
N MET C 222 53.80 23.39 14.27
CA MET C 222 54.97 23.52 13.40
C MET C 222 56.07 24.38 14.04
N ARG C 223 57.33 24.09 13.70
CA ARG C 223 58.47 24.91 14.13
C ARG C 223 58.61 26.00 13.07
N GLY C 224 58.59 25.57 11.82
CA GLY C 224 58.63 26.38 10.62
C GLY C 224 57.90 25.58 9.56
N GLU C 225 58.67 25.01 8.63
CA GLU C 225 58.15 24.12 7.61
C GLU C 225 58.01 22.71 8.18
N GLN C 226 58.89 22.38 9.15
CA GLN C 226 58.97 21.09 9.84
C GLN C 226 57.81 20.88 10.81
N GLU C 227 57.12 19.72 10.68
CA GLU C 227 56.00 19.30 11.52
C GLU C 227 56.46 18.91 12.92
N GLN C 228 55.57 19.07 13.91
CA GLN C 228 55.87 18.67 15.29
C GLN C 228 55.35 17.26 15.51
N GLN C 229 56.26 16.35 15.91
CA GLN C 229 55.97 14.94 16.14
C GLN C 229 54.98 14.74 17.31
N GLY C 230 55.20 15.47 18.42
CA GLY C 230 54.39 15.41 19.62
C GLY C 230 53.04 16.10 19.59
N THR C 231 52.53 16.44 18.37
CA THR C 231 51.24 17.10 18.19
C THR C 231 50.14 16.10 18.58
N GLN C 232 49.35 16.49 19.59
CA GLN C 232 48.26 15.68 20.15
C GLN C 232 46.89 16.29 19.79
N PRO C 233 46.26 15.81 18.71
CA PRO C 233 44.93 16.34 18.33
C PRO C 233 43.80 15.80 19.20
N GLY C 234 42.75 16.59 19.31
CA GLY C 234 41.54 16.24 20.04
C GLY C 234 40.47 15.69 19.13
N ASP C 235 39.28 15.49 19.69
CA ASP C 235 38.13 15.01 18.93
C ASP C 235 37.50 16.19 18.20
N ILE C 236 36.92 15.96 17.03
CA ILE C 236 36.27 17.01 16.24
C ILE C 236 34.82 17.07 16.75
N LEU C 237 34.62 17.85 17.84
CA LEU C 237 33.38 18.05 18.59
C LEU C 237 32.40 18.99 17.85
N PRO C 238 31.06 18.76 17.92
CA PRO C 238 30.13 19.60 17.14
C PRO C 238 29.57 20.82 17.84
N ASN C 239 29.06 21.76 17.05
CA ASN C 239 28.39 22.96 17.57
C ASN C 239 26.88 22.84 17.31
N ALA C 240 26.06 23.72 17.93
CA ALA C 240 24.60 23.74 17.76
C ALA C 240 24.26 23.93 16.28
N ASP C 241 24.93 24.89 15.62
CA ASP C 241 24.88 25.10 14.18
C ASP C 241 25.73 23.98 13.57
N GLU C 242 25.50 23.60 12.32
CA GLU C 242 26.20 22.49 11.71
C GLU C 242 27.59 22.94 11.30
N THR C 243 28.42 23.17 12.36
CA THR C 243 29.85 23.53 12.36
C THR C 243 30.56 22.60 13.36
N TRP C 244 31.90 22.75 13.53
CA TRP C 244 32.67 21.87 14.41
C TRP C 244 33.74 22.63 15.23
N TYR C 245 34.39 21.95 16.18
CA TYR C 245 35.40 22.50 17.07
C TYR C 245 36.51 21.48 17.32
N LEU C 246 37.78 21.91 17.20
CA LEU C 246 38.98 21.11 17.43
C LEU C 246 39.94 21.88 18.34
N ARG C 247 40.73 21.13 19.14
CA ARG C 247 41.67 21.65 20.13
C ARG C 247 42.96 20.81 20.12
N ALA C 248 43.93 21.14 19.23
CA ALA C 248 45.22 20.43 19.13
C ALA C 248 46.23 20.97 20.13
N THR C 249 46.94 20.05 20.84
CA THR C 249 47.92 20.38 21.88
C THR C 249 49.36 19.85 21.56
N LEU C 250 50.37 20.32 22.32
CA LEU C 250 51.79 19.94 22.20
C LEU C 250 52.53 20.29 23.49
N ASP C 251 53.09 19.27 24.20
CA ASP C 251 53.81 19.44 25.46
C ASP C 251 55.31 19.62 25.20
N VAL C 252 55.82 20.83 25.49
CA VAL C 252 57.24 21.21 25.28
C VAL C 252 57.79 22.02 26.48
N VAL C 253 59.14 22.09 26.58
CA VAL C 253 59.89 22.85 27.60
C VAL C 253 59.74 24.36 27.30
N ALA C 254 59.54 25.19 28.36
CA ALA C 254 59.33 26.65 28.35
C ALA C 254 60.21 27.42 27.34
N GLY C 255 61.46 26.99 27.17
CA GLY C 255 62.40 27.61 26.23
C GLY C 255 62.10 27.33 24.76
N GLU C 256 61.48 26.16 24.48
CA GLU C 256 61.12 25.71 23.14
C GLU C 256 59.81 26.35 22.63
N ALA C 257 59.05 27.01 23.54
CA ALA C 257 57.77 27.68 23.24
C ALA C 257 57.94 28.81 22.19
N ALA C 258 59.09 29.51 22.22
CA ALA C 258 59.41 30.59 21.28
C ALA C 258 59.63 30.02 19.87
N GLY C 259 59.02 30.68 18.88
CA GLY C 259 59.11 30.32 17.48
C GLY C 259 58.04 29.35 17.00
N LEU C 260 57.51 28.51 17.93
CA LEU C 260 56.48 27.53 17.61
C LEU C 260 55.18 28.20 17.19
N SER C 261 54.53 27.57 16.20
CA SER C 261 53.29 28.01 15.58
C SER C 261 52.39 26.80 15.29
N CYS C 262 51.10 27.05 15.00
CA CYS C 262 50.18 25.97 14.65
C CYS C 262 49.43 26.27 13.36
N ARG C 263 49.67 25.45 12.32
CA ARG C 263 49.03 25.61 11.02
C ARG C 263 47.71 24.84 10.98
N VAL C 264 46.69 25.45 10.32
CA VAL C 264 45.34 24.91 10.17
C VAL C 264 45.00 24.89 8.68
N LYS C 265 44.70 23.72 8.13
CA LYS C 265 44.31 23.55 6.73
C LYS C 265 42.82 23.16 6.65
N HIS C 266 42.02 23.95 5.95
CA HIS C 266 40.57 23.70 5.78
C HIS C 266 40.12 24.10 4.37
N SER C 267 39.13 23.38 3.83
CA SER C 267 38.55 23.60 2.50
C SER C 267 38.00 25.03 2.33
N SER C 268 37.58 25.66 3.43
CA SER C 268 37.06 27.04 3.43
C SER C 268 38.23 28.03 3.29
N LEU C 269 39.40 27.71 3.89
CA LEU C 269 40.62 28.52 3.78
C LEU C 269 41.14 28.33 2.36
N GLU C 270 41.00 29.38 1.53
CA GLU C 270 41.27 29.30 0.10
C GLU C 270 42.78 29.33 -0.07
N GLY C 271 43.40 28.20 0.28
CA GLY C 271 44.84 28.00 0.25
C GLY C 271 45.57 28.61 1.43
N GLN C 272 45.08 29.77 1.91
CA GLN C 272 45.64 30.54 3.01
C GLN C 272 45.31 29.90 4.36
N ASP C 273 46.25 29.09 4.85
CA ASP C 273 46.18 28.40 6.13
C ASP C 273 46.34 29.39 7.27
N ILE C 274 45.70 29.14 8.41
CA ILE C 274 45.84 30.02 9.57
C ILE C 274 47.13 29.62 10.28
N VAL C 275 48.11 30.53 10.31
CA VAL C 275 49.39 30.25 10.95
C VAL C 275 49.50 31.20 12.16
N LEU C 276 49.26 30.67 13.36
CA LEU C 276 49.29 31.43 14.61
C LEU C 276 50.50 31.06 15.46
N TYR C 277 51.44 32.02 15.61
CA TYR C 277 52.66 31.85 16.40
C TYR C 277 52.38 32.07 17.90
N TRP C 278 53.26 31.54 18.78
CA TRP C 278 53.09 31.65 20.22
C TRP C 278 53.42 33.06 20.73
N ILE D 21 24.71 -1.00 32.05
CA ILE D 21 26.09 -0.64 32.37
C ILE D 21 27.02 -1.45 31.44
N GLN D 22 27.63 -0.77 30.44
CA GLN D 22 28.52 -1.37 29.46
C GLN D 22 29.65 -0.40 29.08
N ARG D 23 29.32 0.90 28.80
CA ARG D 23 30.30 1.93 28.41
C ARG D 23 30.06 3.25 29.13
N THR D 24 31.09 3.77 29.81
CA THR D 24 31.03 5.01 30.59
C THR D 24 31.15 6.25 29.66
N PRO D 25 30.37 7.34 29.92
CA PRO D 25 30.41 8.50 29.00
C PRO D 25 31.65 9.40 29.13
N LYS D 26 31.95 10.12 28.04
CA LYS D 26 33.04 11.08 27.92
C LYS D 26 32.42 12.48 27.92
N ILE D 27 32.64 13.26 28.98
CA ILE D 27 32.07 14.60 29.14
C ILE D 27 33.12 15.69 28.77
N GLN D 28 32.82 16.53 27.75
CA GLN D 28 33.69 17.62 27.28
C GLN D 28 32.89 18.93 27.17
N VAL D 29 33.31 19.98 27.90
CA VAL D 29 32.61 21.27 27.96
C VAL D 29 33.42 22.36 27.25
N TYR D 30 32.77 23.10 26.31
CA TYR D 30 33.41 24.15 25.52
C TYR D 30 32.41 25.21 25.03
N SER D 31 32.92 26.43 24.76
CA SER D 31 32.18 27.59 24.24
C SER D 31 32.17 27.62 22.69
N ARG D 32 31.13 28.24 22.07
CA ARG D 32 30.99 28.32 20.61
C ARG D 32 32.07 29.20 20.00
N HIS D 33 32.18 30.45 20.47
CA HIS D 33 33.14 31.45 20.01
C HIS D 33 34.21 31.69 21.09
N PRO D 34 35.40 32.28 20.80
CA PRO D 34 36.39 32.50 21.88
C PRO D 34 35.81 33.36 22.99
N ALA D 35 35.97 32.91 24.24
CA ALA D 35 35.47 33.54 25.46
C ALA D 35 35.88 35.01 25.58
N GLU D 36 34.87 35.87 25.86
CA GLU D 36 34.98 37.32 26.06
C GLU D 36 33.94 37.72 27.12
N ASN D 37 34.43 38.30 28.24
CA ASN D 37 33.62 38.69 29.39
C ASN D 37 32.64 39.84 29.05
N GLY D 38 31.34 39.51 29.06
CA GLY D 38 30.28 40.46 28.78
C GLY D 38 29.40 40.11 27.60
N LYS D 39 30.02 39.85 26.42
CA LYS D 39 29.32 39.48 25.17
C LYS D 39 28.67 38.10 25.29
N SER D 40 27.54 37.90 24.56
CA SER D 40 26.79 36.64 24.58
C SER D 40 27.56 35.52 23.87
N ASN D 41 27.45 34.30 24.42
CA ASN D 41 28.12 33.10 23.91
C ASN D 41 27.22 31.87 24.09
N PHE D 42 27.68 30.69 23.62
CA PHE D 42 26.95 29.43 23.73
C PHE D 42 27.82 28.37 24.40
N LEU D 43 27.30 27.72 25.47
CA LEU D 43 28.02 26.71 26.22
C LEU D 43 27.59 25.31 25.75
N ASN D 44 28.56 24.51 25.29
CA ASN D 44 28.33 23.15 24.79
C ASN D 44 28.96 22.12 25.71
N CYS D 45 28.17 21.10 26.11
CA CYS D 45 28.60 19.93 26.88
C CYS D 45 28.29 18.74 25.99
N TYR D 46 29.34 18.05 25.53
CA TYR D 46 29.23 16.94 24.60
C TYR D 46 29.54 15.62 25.28
N VAL D 47 28.45 14.90 25.67
CA VAL D 47 28.45 13.59 26.35
C VAL D 47 28.55 12.51 25.26
N SER D 48 29.76 11.95 25.11
CA SER D 48 30.16 11.05 24.05
C SER D 48 30.41 9.62 24.51
N GLY D 49 30.30 8.69 23.56
CA GLY D 49 30.65 7.29 23.75
C GLY D 49 30.14 6.38 24.89
N PHE D 50 28.83 6.41 25.16
CA PHE D 50 28.25 5.67 26.29
C PHE D 50 27.24 4.59 25.87
N HIS D 51 26.93 3.67 26.80
CA HIS D 51 25.97 2.60 26.61
C HIS D 51 25.51 2.05 27.97
N PRO D 52 24.19 1.91 28.28
CA PRO D 52 22.98 2.20 27.46
C PRO D 52 22.70 3.69 27.19
N SER D 53 21.54 3.96 26.54
CA SER D 53 21.06 5.28 26.13
C SER D 53 20.65 6.21 27.27
N ASP D 54 20.15 5.67 28.39
CA ASP D 54 19.65 6.45 29.54
C ASP D 54 20.75 7.28 30.16
N ILE D 55 20.60 8.61 30.01
CA ILE D 55 21.54 9.60 30.50
C ILE D 55 20.77 10.85 30.97
N GLU D 56 21.26 11.47 32.07
CA GLU D 56 20.65 12.68 32.65
C GLU D 56 21.72 13.77 32.69
N VAL D 57 21.60 14.75 31.77
CA VAL D 57 22.56 15.85 31.65
C VAL D 57 21.89 17.17 31.99
N ASP D 58 22.48 17.91 32.94
CA ASP D 58 22.01 19.21 33.39
C ASP D 58 23.17 20.21 33.42
N LEU D 59 23.10 21.27 32.59
CA LEU D 59 24.13 22.30 32.59
C LEU D 59 23.84 23.20 33.78
N LEU D 60 24.89 23.58 34.53
CA LEU D 60 24.73 24.37 35.75
C LEU D 60 25.45 25.74 35.66
N LYS D 61 24.88 26.75 36.36
CA LYS D 61 25.40 28.11 36.48
C LYS D 61 25.57 28.43 37.98
N ASN D 62 26.81 28.24 38.50
CA ASN D 62 27.23 28.42 39.90
C ASN D 62 26.55 27.39 40.83
N GLY D 63 26.35 26.18 40.30
CA GLY D 63 25.72 25.09 41.05
C GLY D 63 24.28 24.81 40.65
N GLU D 64 23.47 25.86 40.47
CA GLU D 64 22.05 25.73 40.09
C GLU D 64 21.94 25.42 38.60
N ARG D 65 21.08 24.44 38.23
CA ARG D 65 20.91 24.01 36.84
C ARG D 65 20.16 25.04 35.98
N ILE D 66 20.66 25.24 34.75
CA ILE D 66 20.10 26.15 33.75
C ILE D 66 18.82 25.51 33.18
N GLU D 67 17.68 26.19 33.34
CA GLU D 67 16.35 25.74 32.94
C GLU D 67 16.19 25.60 31.41
N LYS D 68 16.46 26.70 30.66
CA LYS D 68 16.33 26.76 29.20
C LYS D 68 17.55 26.14 28.50
N VAL D 69 17.65 24.80 28.52
CA VAL D 69 18.74 24.06 27.86
C VAL D 69 18.14 23.18 26.76
N GLU D 70 18.70 23.30 25.55
CA GLU D 70 18.28 22.50 24.39
C GLU D 70 19.28 21.39 24.17
N HIS D 71 18.89 20.37 23.41
CA HIS D 71 19.77 19.26 23.08
C HIS D 71 19.41 18.67 21.75
N SER D 72 20.41 18.10 21.06
CA SER D 72 20.29 17.41 19.78
C SER D 72 19.53 16.09 19.92
N ASP D 73 19.29 15.40 18.79
CA ASP D 73 18.66 14.10 18.82
C ASP D 73 19.70 13.08 19.26
N LEU D 74 19.35 12.22 20.24
CA LEU D 74 20.25 11.17 20.74
C LEU D 74 20.64 10.26 19.56
N SER D 75 21.95 10.12 19.30
CA SER D 75 22.48 9.35 18.19
C SER D 75 23.63 8.43 18.63
N PHE D 76 24.06 7.48 17.76
CA PHE D 76 25.13 6.56 18.09
C PHE D 76 26.20 6.48 17.00
N SER D 77 27.49 6.35 17.41
CA SER D 77 28.65 6.20 16.52
C SER D 77 28.68 4.78 15.92
N LYS D 78 29.63 4.51 14.98
CA LYS D 78 29.77 3.20 14.32
C LYS D 78 29.81 2.08 15.36
N ASP D 79 30.68 2.21 16.39
CA ASP D 79 30.88 1.24 17.48
C ASP D 79 29.62 0.99 18.34
N TRP D 80 28.47 1.60 17.97
CA TRP D 80 27.14 1.53 18.60
C TRP D 80 27.03 2.35 19.89
N SER D 81 28.12 3.04 20.33
CA SER D 81 28.03 3.85 21.55
C SER D 81 27.28 5.14 21.25
N PHE D 82 26.56 5.71 22.23
CA PHE D 82 25.73 6.91 22.06
C PHE D 82 26.47 8.23 22.29
N TYR D 83 25.96 9.32 21.69
CA TYR D 83 26.51 10.68 21.83
C TYR D 83 25.40 11.74 21.80
N LEU D 84 25.56 12.79 22.62
CA LEU D 84 24.58 13.86 22.74
C LEU D 84 25.24 15.23 22.93
N LEU D 85 24.69 16.29 22.30
CA LEU D 85 25.20 17.65 22.47
C LEU D 85 24.18 18.51 23.23
N TYR D 86 24.50 18.87 24.47
CA TYR D 86 23.69 19.75 25.30
C TYR D 86 24.24 21.17 25.17
N TYR D 87 23.39 22.14 24.77
CA TYR D 87 23.80 23.52 24.54
C TYR D 87 22.78 24.54 25.09
N THR D 88 23.28 25.76 25.43
CA THR D 88 22.46 26.88 25.91
C THR D 88 23.17 28.22 25.69
N GLU D 89 22.38 29.27 25.47
CA GLU D 89 22.86 30.64 25.31
C GLU D 89 23.17 31.20 26.70
N PHE D 90 24.38 31.76 26.88
CA PHE D 90 24.81 32.32 28.16
C PHE D 90 25.70 33.57 27.97
N THR D 91 26.25 34.10 29.09
CA THR D 91 27.14 35.26 29.14
C THR D 91 28.27 34.96 30.15
N PRO D 92 29.55 34.92 29.72
CA PRO D 92 30.63 34.60 30.69
C PRO D 92 31.13 35.82 31.48
N THR D 93 31.50 35.57 32.75
CA THR D 93 32.03 36.56 33.70
C THR D 93 33.18 35.93 34.50
N GLU D 94 34.06 36.76 35.11
CA GLU D 94 35.20 36.33 35.92
C GLU D 94 34.75 35.63 37.21
N LYS D 95 33.60 36.06 37.78
CA LYS D 95 33.04 35.52 39.03
C LYS D 95 32.23 34.22 38.79
N ASP D 96 31.33 34.21 37.77
CA ASP D 96 30.44 33.10 37.45
C ASP D 96 31.18 31.88 36.84
N GLU D 97 30.87 30.67 37.35
CA GLU D 97 31.43 29.38 36.92
C GLU D 97 30.35 28.49 36.33
N TYR D 98 30.67 27.77 35.24
CA TYR D 98 29.73 26.90 34.55
C TYR D 98 30.30 25.48 34.41
N ALA D 99 29.42 24.47 34.36
CA ALA D 99 29.73 23.03 34.26
C ALA D 99 28.49 22.23 33.87
N CYS D 100 28.64 20.90 33.58
CA CYS D 100 27.50 20.03 33.30
C CYS D 100 27.53 18.78 34.15
N ARG D 101 26.40 18.53 34.84
CA ARG D 101 26.11 17.42 35.74
C ARG D 101 25.60 16.26 34.91
N VAL D 102 26.44 15.22 34.75
CA VAL D 102 26.09 14.05 33.94
C VAL D 102 25.95 12.82 34.86
N ASN D 103 24.80 12.11 34.75
CA ASN D 103 24.56 10.88 35.51
C ASN D 103 24.09 9.74 34.59
N HIS D 104 24.85 8.65 34.62
CA HIS D 104 24.67 7.41 33.87
C HIS D 104 24.64 6.23 34.85
N VAL D 105 24.27 5.03 34.37
CA VAL D 105 24.22 3.79 35.16
C VAL D 105 25.67 3.33 35.55
N THR D 106 26.67 3.79 34.79
CA THR D 106 28.07 3.47 35.04
C THR D 106 28.63 4.38 36.14
N LEU D 107 28.17 5.64 36.20
CA LEU D 107 28.63 6.61 37.18
C LEU D 107 28.00 6.38 38.58
N SER D 108 28.83 6.03 39.59
CA SER D 108 28.41 5.79 40.96
C SER D 108 28.00 7.09 41.67
N GLN D 109 28.35 8.23 41.04
CA GLN D 109 28.06 9.57 41.52
C GLN D 109 28.04 10.53 40.32
N PRO D 110 26.99 11.36 40.15
CA PRO D 110 26.93 12.26 38.96
C PRO D 110 28.21 13.09 38.81
N LYS D 111 28.90 12.91 37.66
CA LYS D 111 30.15 13.59 37.32
C LYS D 111 29.89 15.03 36.89
N ILE D 112 30.60 15.99 37.52
CA ILE D 112 30.48 17.42 37.20
C ILE D 112 31.82 17.91 36.59
N VAL D 113 31.84 18.08 35.25
CA VAL D 113 33.03 18.53 34.53
C VAL D 113 32.93 20.05 34.35
N LYS D 114 33.87 20.78 34.99
CA LYS D 114 33.92 22.25 34.97
C LYS D 114 34.34 22.78 33.59
N TRP D 115 33.81 23.96 33.20
CA TRP D 115 34.15 24.62 31.94
C TRP D 115 35.38 25.48 32.14
N ASP D 116 36.44 25.17 31.36
CA ASP D 116 37.71 25.88 31.40
C ASP D 116 37.83 26.82 30.19
N ARG D 117 38.27 28.07 30.44
CA ARG D 117 38.46 29.07 29.40
C ARG D 117 39.67 28.70 28.53
N ASP D 118 40.81 28.38 29.18
CA ASP D 118 42.07 28.01 28.54
C ASP D 118 41.99 26.65 27.84
N MET D 119 41.16 25.72 28.36
CA MET D 119 41.01 24.38 27.78
C MET D 119 39.61 23.82 28.06
#